data_9NAC
#
_entry.id   9NAC
#
_cell.length_a   112.632
_cell.length_b   52.343
_cell.length_c   104.411
_cell.angle_alpha   90.00
_cell.angle_beta   104.16
_cell.angle_gamma   90.00
#
_symmetry.space_group_name_H-M   'C 1 2 1'
#
loop_
_entity.id
_entity.type
_entity.pdbx_description
1 polymer 'Mitogen-activated protein kinase kinase kinase kinase 1'
2 non-polymer 1,2-ETHANEDIOL
3 non-polymer GLYCEROL
4 non-polymer '2-(N-MORPHOLINO)-ETHANESULFONIC ACID'
5 non-polymer 5-[(4-{[(1S)-2-hydroxy-1-phenylethyl]amino}-5-[3-(oxan-4-yl)-1,2,4-oxadiazol-5-yl]pyrimidin-2-yl)amino]-3,3-dimethyl-2-benzofuran-1(3H)-one
6 non-polymer 'SODIUM ION'
7 non-polymer 'TRIETHYLENE GLYCOL'
8 water water
#
_entity_poly.entity_id   1
_entity_poly.type   'polypeptide(L)'
_entity_poly.pdbx_seq_one_letter_code
;MHHHHHHGENLYFQGSDVVDPDIFNRDPRDHYDLLQRLGGGTYGEVFKARDKVSGDLVALKMVKMEPDDDVSTLQKEILI
LKTCRHANIVAYHGSYLWLQKLWICMEFCGAGSLQDIYQVTGSLSELQISYVCREVLQGLAYLHSQKKIHRDIKGANILI
NDAGEVRLADFGISAQIGAELARRLEFIGTPYWMAPEVAAVALKGGYNELCDIWSLGITAIELAELQPPLFDVHPLRVLF
LMTKSGYQPPRLKEKGKWSAAFHNFIKVTLTKSPKKRPSATKMLSHQLVSQPGLNRGLILDLLDKLKNGNS
;
_entity_poly.pdbx_strand_id   A,B
#
loop_
_chem_comp.id
_chem_comp.type
_chem_comp.name
_chem_comp.formula
A1BWM non-polymer 5-[(4-{[(1S)-2-hydroxy-1-phenylethyl]amino}-5-[3-(oxan-4-yl)-1,2,4-oxadiazol-5-yl]pyrimidin-2-yl)amino]-3,3-dimethyl-2-benzofuran-1(3H)-one 'C29 H30 N6 O5'
EDO non-polymer 1,2-ETHANEDIOL 'C2 H6 O2'
GOL non-polymer GLYCEROL 'C3 H8 O3'
MES non-polymer '2-(N-MORPHOLINO)-ETHANESULFONIC ACID' 'C6 H13 N O4 S'
NA non-polymer 'SODIUM ION' 'Na 1'
PGE non-polymer 'TRIETHYLENE GLYCOL' 'C6 H14 O4'
#
# COMPACT_ATOMS: atom_id res chain seq x y z
N VAL A 18 24.92 16.27 -5.45
CA VAL A 18 24.12 17.20 -4.65
C VAL A 18 23.49 16.50 -3.44
N VAL A 19 23.58 17.14 -2.28
CA VAL A 19 23.04 16.56 -1.05
C VAL A 19 21.52 16.41 -1.16
N ASP A 20 20.85 17.44 -1.68
N ASP A 20 20.84 17.48 -1.56
CA ASP A 20 19.41 17.53 -1.62
CA ASP A 20 19.42 17.41 -1.70
C ASP A 20 18.96 18.55 -2.67
C ASP A 20 18.96 18.50 -2.66
N PRO A 21 18.14 18.15 -3.64
CA PRO A 21 17.64 19.13 -4.61
C PRO A 21 16.81 20.23 -4.00
N ASP A 22 16.20 20.01 -2.83
CA ASP A 22 15.34 20.99 -2.19
C ASP A 22 16.06 21.77 -1.11
N ILE A 23 17.40 21.71 -1.07
CA ILE A 23 18.15 22.37 -0.02
C ILE A 23 17.86 23.86 -0.01
N PHE A 24 17.81 24.44 1.19
CA PHE A 24 17.76 25.89 1.36
C PHE A 24 19.18 26.40 1.46
N ASN A 25 19.58 27.26 0.53
CA ASN A 25 20.91 27.86 0.56
C ASN A 25 20.85 29.19 1.31
N ARG A 26 20.65 29.06 2.62
CA ARG A 26 20.49 30.23 3.47
C ARG A 26 20.73 29.84 4.92
N ASP A 27 20.90 30.86 5.76
CA ASP A 27 21.18 30.65 7.17
C ASP A 27 19.90 30.26 7.90
N PRO A 28 19.83 29.08 8.53
CA PRO A 28 18.61 28.72 9.26
C PRO A 28 18.34 29.63 10.44
N ARG A 29 19.36 30.32 10.96
CA ARG A 29 19.16 31.24 12.06
C ARG A 29 18.48 32.54 11.64
N ASP A 30 18.29 32.75 10.33
CA ASP A 30 17.40 33.82 9.88
C ASP A 30 15.94 33.49 10.13
N HIS A 31 15.61 32.19 10.25
CA HIS A 31 14.25 31.73 10.47
C HIS A 31 14.01 31.20 11.88
N TYR A 32 15.04 30.67 12.53
CA TYR A 32 14.87 30.01 13.82
C TYR A 32 15.80 30.61 14.85
N ASP A 33 15.29 30.75 16.07
CA ASP A 33 16.10 31.09 17.22
C ASP A 33 16.59 29.80 17.86
N LEU A 34 17.92 29.63 17.91
CA LEU A 34 18.49 28.44 18.53
C LEU A 34 18.31 28.50 20.04
N LEU A 35 17.69 27.47 20.60
CA LEU A 35 17.63 27.34 22.05
C LEU A 35 18.72 26.36 22.47
N GLN A 36 18.42 25.43 23.37
CA GLN A 36 19.47 24.59 23.94
C GLN A 36 19.99 23.55 22.94
N ARG A 37 21.26 23.20 23.10
CA ARG A 37 21.78 21.99 22.47
C ARG A 37 21.18 20.78 23.17
N LEU A 38 20.49 19.92 22.41
CA LEU A 38 19.88 18.73 22.97
C LEU A 38 20.83 17.54 23.05
N GLY A 39 21.87 17.54 22.24
CA GLY A 39 22.81 16.43 22.19
C GLY A 39 23.82 16.68 21.10
N GLY A 40 24.81 15.81 21.04
CA GLY A 40 25.86 15.99 20.06
C GLY A 40 26.86 14.86 20.12
N GLY A 41 27.60 14.72 19.03
CA GLY A 41 28.61 13.67 18.93
C GLY A 41 29.22 13.64 17.55
N THR A 42 29.70 12.45 17.17
CA THR A 42 30.32 12.27 15.86
C THR A 42 29.35 12.65 14.74
N TYR A 43 28.08 12.31 14.89
CA TYR A 43 27.07 12.57 13.87
C TYR A 43 26.77 14.05 13.68
N GLY A 44 27.19 14.91 14.62
CA GLY A 44 26.90 16.33 14.59
C GLY A 44 26.31 16.77 15.90
N GLU A 45 25.57 17.88 15.87
CA GLU A 45 24.92 18.43 17.05
C GLU A 45 23.44 18.65 16.77
N VAL A 46 22.61 18.47 17.79
CA VAL A 46 21.17 18.62 17.66
C VAL A 46 20.70 19.72 18.60
N PHE A 47 19.95 20.67 18.06
CA PHE A 47 19.50 21.85 18.79
C PHE A 47 17.97 21.91 18.84
N LYS A 48 17.45 22.34 19.98
CA LYS A 48 16.08 22.81 20.05
C LYS A 48 16.06 24.23 19.50
N ALA A 49 15.06 24.53 18.66
CA ALA A 49 14.97 25.85 18.05
C ALA A 49 13.51 26.27 17.93
N ARG A 50 13.29 27.58 17.83
CA ARG A 50 11.94 28.13 17.78
C ARG A 50 11.78 28.98 16.52
N ASP A 51 10.71 28.73 15.77
CA ASP A 51 10.36 29.53 14.61
C ASP A 51 10.10 30.97 15.03
N LYS A 52 10.81 31.91 14.39
CA LYS A 52 10.73 33.31 14.79
C LYS A 52 9.36 33.91 14.54
N VAL A 53 8.56 33.33 13.67
CA VAL A 53 7.24 33.86 13.38
C VAL A 53 6.19 33.16 14.23
N SER A 54 6.06 31.84 14.02
CA SER A 54 4.97 31.09 14.62
C SER A 54 5.23 30.73 16.09
N GLY A 55 6.49 30.74 16.53
CA GLY A 55 6.83 30.21 17.82
C GLY A 55 6.87 28.70 17.91
N ASP A 56 6.64 28.00 16.80
CA ASP A 56 6.69 26.55 16.82
C ASP A 56 8.12 26.04 17.03
N LEU A 57 8.24 24.92 17.73
CA LEU A 57 9.54 24.34 18.02
C LEU A 57 9.93 23.32 16.96
N VAL A 58 11.23 23.24 16.69
CA VAL A 58 11.79 22.24 15.79
C VAL A 58 13.07 21.69 16.44
N ALA A 59 13.56 20.59 15.87
CA ALA A 59 14.88 20.08 16.18
C ALA A 59 15.75 20.24 14.95
N LEU A 60 16.94 20.81 15.13
CA LEU A 60 17.88 21.04 14.04
C LEU A 60 19.13 20.21 14.29
N LYS A 61 19.45 19.32 13.35
N LYS A 61 19.45 19.30 13.36
CA LYS A 61 20.69 18.56 13.37
CA LYS A 61 20.67 18.52 13.43
C LYS A 61 21.70 19.27 12.49
C LYS A 61 21.70 19.15 12.50
N MET A 62 22.85 19.64 13.06
N MET A 62 22.77 19.69 13.07
CA MET A 62 23.89 20.37 12.36
CA MET A 62 23.83 20.34 12.31
C MET A 62 25.07 19.45 12.12
C MET A 62 24.97 19.36 12.10
N VAL A 63 25.43 19.24 10.85
CA VAL A 63 26.51 18.35 10.47
C VAL A 63 27.51 19.14 9.62
N LYS A 64 28.80 18.86 9.82
CA LYS A 64 29.82 19.45 8.97
C LYS A 64 29.64 18.98 7.53
N MET A 65 29.87 19.88 6.58
N MET A 65 29.87 19.88 6.58
CA MET A 65 29.66 19.57 5.16
CA MET A 65 29.66 19.56 5.16
C MET A 65 30.63 20.42 4.34
C MET A 65 30.62 20.40 4.32
N GLU A 66 31.82 19.88 4.11
CA GLU A 66 32.81 20.53 3.27
C GLU A 66 32.55 20.17 1.81
N PRO A 67 33.04 20.99 0.87
CA PRO A 67 32.84 20.66 -0.55
C PRO A 67 33.44 19.32 -0.96
N ASP A 68 34.42 18.81 -0.23
CA ASP A 68 35.08 17.56 -0.59
C ASP A 68 34.39 16.32 0.00
N ASP A 69 33.54 16.50 1.01
CA ASP A 69 32.97 15.37 1.73
C ASP A 69 32.02 14.59 0.84
N ASP A 70 31.98 13.27 1.05
CA ASP A 70 30.99 12.43 0.40
C ASP A 70 29.62 12.74 0.98
N VAL A 71 28.66 13.06 0.11
CA VAL A 71 27.32 13.45 0.54
C VAL A 71 26.34 12.29 0.53
N SER A 72 26.79 11.09 0.13
CA SER A 72 25.85 10.01 -0.19
C SER A 72 25.01 9.61 1.01
N THR A 73 25.61 9.48 2.20
CA THR A 73 24.84 9.06 3.37
C THR A 73 23.82 10.11 3.77
N LEU A 74 24.24 11.36 3.89
CA LEU A 74 23.30 12.42 4.27
C LEU A 74 22.23 12.62 3.20
N GLN A 75 22.62 12.50 1.92
CA GLN A 75 21.63 12.57 0.84
C GLN A 75 20.55 11.52 1.02
N LYS A 76 20.93 10.30 1.40
CA LYS A 76 19.95 9.24 1.55
C LYS A 76 19.11 9.42 2.82
N GLU A 77 19.70 9.96 3.89
CA GLU A 77 18.91 10.23 5.09
C GLU A 77 17.84 11.27 4.83
N ILE A 78 18.21 12.38 4.17
CA ILE A 78 17.24 13.41 3.82
C ILE A 78 16.17 12.85 2.90
N LEU A 79 16.57 12.01 1.95
CA LEU A 79 15.61 11.42 1.03
C LEU A 79 14.54 10.62 1.77
N ILE A 80 14.96 9.82 2.76
CA ILE A 80 14.00 9.06 3.56
C ILE A 80 13.07 9.99 4.33
N LEU A 81 13.65 10.96 5.05
CA LEU A 81 12.83 11.87 5.85
C LEU A 81 11.84 12.64 4.98
N LYS A 82 12.26 13.03 3.77
CA LYS A 82 11.44 13.89 2.93
C LYS A 82 10.32 13.11 2.25
N THR A 83 10.59 11.87 1.85
CA THR A 83 9.63 11.09 1.08
C THR A 83 8.72 10.20 1.93
N CYS A 84 9.10 9.89 3.18
N CYS A 84 9.24 9.74 3.07
CA CYS A 84 8.32 8.95 4.00
CA CYS A 84 8.40 9.14 4.09
C CYS A 84 7.47 9.72 5.01
C CYS A 84 7.53 10.23 4.68
N ARG A 85 6.23 10.03 4.61
CA ARG A 85 5.31 10.88 5.36
C ARG A 85 4.20 10.01 5.92
N HIS A 86 4.18 9.87 7.25
CA HIS A 86 3.28 8.95 7.91
C HIS A 86 3.20 9.35 9.38
N ALA A 87 2.06 9.08 10.02
CA ALA A 87 1.84 9.53 11.38
C ALA A 87 2.77 8.88 12.39
N ASN A 88 3.49 7.83 12.01
CA ASN A 88 4.42 7.15 12.90
C ASN A 88 5.88 7.31 12.46
N ILE A 89 6.15 8.28 11.59
CA ILE A 89 7.50 8.63 11.17
C ILE A 89 7.71 10.10 11.53
N VAL A 90 8.86 10.40 12.14
CA VAL A 90 9.14 11.75 12.57
C VAL A 90 9.02 12.73 11.40
N ALA A 91 8.47 13.91 11.68
CA ALA A 91 8.19 14.88 10.64
C ALA A 91 9.47 15.60 10.20
N TYR A 92 9.44 16.09 8.96
CA TYR A 92 10.59 16.73 8.33
C TYR A 92 10.21 18.10 7.83
N HIS A 93 11.07 19.10 8.07
CA HIS A 93 10.79 20.49 7.74
C HIS A 93 11.79 21.10 6.76
N GLY A 94 12.69 20.33 6.19
CA GLY A 94 13.63 20.84 5.20
C GLY A 94 15.05 20.86 5.73
N SER A 95 15.97 21.23 4.85
CA SER A 95 17.40 21.23 5.18
C SER A 95 18.05 22.50 4.66
N TYR A 96 19.09 22.94 5.37
CA TYR A 96 19.81 24.16 5.03
C TYR A 96 21.28 23.84 4.83
N LEU A 97 21.91 24.48 3.85
CA LEU A 97 23.36 24.46 3.69
C LEU A 97 23.85 25.89 3.84
N TRP A 98 24.75 26.10 4.80
CA TRP A 98 25.25 27.45 5.06
C TRP A 98 26.62 27.34 5.71
N LEU A 99 27.62 27.94 5.08
CA LEU A 99 28.97 28.02 5.65
C LEU A 99 29.51 26.63 6.01
N GLN A 100 29.33 25.70 5.08
CA GLN A 100 29.86 24.34 5.19
C GLN A 100 29.26 23.57 6.36
N LYS A 101 28.05 23.93 6.76
CA LYS A 101 27.29 23.13 7.71
C LYS A 101 25.92 22.83 7.11
N LEU A 102 25.53 21.56 7.22
CA LEU A 102 24.22 21.09 6.78
C LEU A 102 23.33 21.02 8.01
N TRP A 103 22.17 21.67 7.95
CA TRP A 103 21.20 21.68 9.04
C TRP A 103 19.96 20.95 8.57
N ILE A 104 19.67 19.82 9.21
CA ILE A 104 18.46 19.04 8.91
C ILE A 104 17.40 19.42 9.93
N CYS A 105 16.28 19.96 9.46
CA CYS A 105 15.23 20.48 10.34
C CYS A 105 14.12 19.45 10.48
N MET A 106 13.90 18.98 11.71
CA MET A 106 12.99 17.87 11.94
C MET A 106 12.04 18.19 13.09
N GLU A 107 11.11 17.28 13.34
CA GLU A 107 10.08 17.50 14.35
C GLU A 107 10.70 17.59 15.74
N PHE A 108 10.22 18.55 16.53
CA PHE A 108 10.58 18.60 17.94
C PHE A 108 9.66 17.66 18.70
N CYS A 109 10.25 16.64 19.32
CA CYS A 109 9.52 15.63 20.07
C CYS A 109 9.92 15.81 21.54
N GLY A 110 9.11 16.57 22.28
CA GLY A 110 9.54 17.13 23.55
C GLY A 110 9.84 16.14 24.65
N ALA A 111 9.29 14.93 24.58
CA ALA A 111 9.61 13.92 25.58
C ALA A 111 10.89 13.15 25.26
N GLY A 112 11.50 13.42 24.11
CA GLY A 112 12.66 12.64 23.74
C GLY A 112 12.29 11.24 23.30
N SER A 113 13.20 10.30 23.53
CA SER A 113 12.99 8.94 23.12
C SER A 113 12.37 8.11 24.25
N LEU A 114 11.85 6.94 23.90
CA LEU A 114 11.37 6.04 24.94
C LEU A 114 12.47 5.69 25.94
N GLN A 115 13.72 5.64 25.49
CA GLN A 115 14.84 5.41 26.42
C GLN A 115 14.98 6.57 27.40
N ASP A 116 14.95 7.81 26.91
CA ASP A 116 14.93 8.96 27.81
C ASP A 116 13.80 8.83 28.82
N ILE A 117 12.64 8.35 28.38
CA ILE A 117 11.47 8.29 29.25
C ILE A 117 11.63 7.20 30.30
N TYR A 118 11.94 5.97 29.88
CA TYR A 118 11.99 4.89 30.86
C TYR A 118 13.15 5.03 31.84
N GLN A 119 14.19 5.78 31.48
CA GLN A 119 15.24 6.06 32.44
C GLN A 119 14.73 6.87 33.62
N VAL A 120 13.62 7.59 33.44
CA VAL A 120 12.96 8.32 34.53
C VAL A 120 11.80 7.53 35.12
N THR A 121 10.93 6.98 34.26
CA THR A 121 9.69 6.37 34.74
C THR A 121 9.84 4.92 35.19
N GLY A 122 10.88 4.23 34.76
CA GLY A 122 10.94 2.80 34.95
C GLY A 122 10.15 2.09 33.85
N SER A 123 9.98 0.78 34.03
CA SER A 123 9.41 -0.04 32.97
C SER A 123 7.99 0.41 32.62
N LEU A 124 7.64 0.26 31.35
CA LEU A 124 6.31 0.58 30.88
C LEU A 124 5.33 -0.55 31.25
N SER A 125 4.05 -0.19 31.33
CA SER A 125 3.04 -1.21 31.56
C SER A 125 2.86 -2.03 30.29
N GLU A 126 2.27 -3.22 30.43
CA GLU A 126 2.06 -4.04 29.25
C GLU A 126 1.17 -3.33 28.23
N LEU A 127 0.15 -2.62 28.69
CA LEU A 127 -0.70 -1.90 27.76
C LEU A 127 0.06 -0.79 27.04
N GLN A 128 0.93 -0.07 27.77
CA GLN A 128 1.75 0.96 27.14
C GLN A 128 2.68 0.35 26.10
N ILE A 129 3.31 -0.79 26.42
CA ILE A 129 4.18 -1.46 25.46
C ILE A 129 3.38 -1.92 24.25
N SER A 130 2.18 -2.45 24.48
CA SER A 130 1.33 -2.90 23.38
C SER A 130 1.00 -1.75 22.44
N TYR A 131 0.68 -0.59 23.00
CA TYR A 131 0.39 0.56 22.16
C TYR A 131 1.61 0.99 21.37
N VAL A 132 2.76 1.08 22.03
CA VAL A 132 4.00 1.43 21.33
C VAL A 132 4.25 0.45 20.19
N CYS A 133 4.08 -0.85 20.45
CA CYS A 133 4.33 -1.85 19.41
C CYS A 133 3.38 -1.67 18.23
N ARG A 134 2.10 -1.37 18.50
CA ARG A 134 1.18 -1.16 17.40
C ARG A 134 1.61 0.03 16.56
N GLU A 135 1.96 1.14 17.22
CA GLU A 135 2.36 2.34 16.50
C GLU A 135 3.63 2.12 15.71
N VAL A 136 4.62 1.44 16.31
CA VAL A 136 5.86 1.14 15.58
C VAL A 136 5.57 0.24 14.38
N LEU A 137 4.74 -0.80 14.59
CA LEU A 137 4.38 -1.69 13.48
C LEU A 137 3.69 -0.93 12.34
N GLN A 138 2.86 0.06 12.67
CA GLN A 138 2.25 0.87 11.61
C GLN A 138 3.32 1.64 10.84
N GLY A 139 4.30 2.21 11.55
CA GLY A 139 5.38 2.90 10.87
C GLY A 139 6.23 1.96 10.04
N LEU A 140 6.48 0.74 10.56
CA LEU A 140 7.26 -0.22 9.81
C LEU A 140 6.53 -0.73 8.57
N ALA A 141 5.23 -1.01 8.70
CA ALA A 141 4.47 -1.44 7.53
C ALA A 141 4.53 -0.37 6.45
N TYR A 142 4.45 0.90 6.83
CA TYR A 142 4.57 1.98 5.86
C TYR A 142 5.97 2.01 5.26
N LEU A 143 7.00 1.97 6.12
CA LEU A 143 8.37 2.07 5.62
C LEU A 143 8.66 0.93 4.65
N HIS A 144 8.27 -0.29 5.02
CA HIS A 144 8.53 -1.45 4.18
C HIS A 144 7.81 -1.37 2.85
N SER A 145 6.58 -0.85 2.86
CA SER A 145 5.87 -0.61 1.61
C SER A 145 6.55 0.45 0.75
N GLN A 146 7.29 1.37 1.37
CA GLN A 146 8.09 2.35 0.64
C GLN A 146 9.43 1.79 0.20
N LYS A 147 9.66 0.48 0.41
CA LYS A 147 10.91 -0.19 0.05
C LYS A 147 12.10 0.28 0.88
N LYS A 148 11.86 0.64 2.14
CA LYS A 148 12.91 1.05 3.05
C LYS A 148 12.97 0.09 4.22
N ILE A 149 14.16 -0.05 4.80
CA ILE A 149 14.40 -0.84 6.00
C ILE A 149 15.00 0.10 7.02
N HIS A 150 14.43 0.12 8.22
CA HIS A 150 14.95 1.03 9.26
C HIS A 150 16.31 0.57 9.76
N ARG A 151 16.40 -0.70 10.17
CA ARG A 151 17.64 -1.37 10.59
C ARG A 151 18.16 -0.92 11.95
N ASP A 152 17.50 0.02 12.63
CA ASP A 152 17.99 0.44 13.94
C ASP A 152 16.82 0.69 14.89
N ILE A 153 15.82 -0.19 14.86
CA ILE A 153 14.70 -0.07 15.78
C ILE A 153 15.17 -0.40 17.19
N LYS A 154 14.87 0.50 18.14
CA LYS A 154 15.27 0.40 19.53
C LYS A 154 14.61 1.56 20.27
N GLY A 155 14.58 1.47 21.59
CA GLY A 155 13.90 2.51 22.36
C GLY A 155 14.45 3.90 22.10
N ALA A 156 15.77 4.01 21.90
CA ALA A 156 16.39 5.31 21.68
C ALA A 156 15.96 5.97 20.38
N ASN A 157 15.43 5.20 19.43
CA ASN A 157 15.06 5.74 18.12
C ASN A 157 13.55 5.81 17.92
N ILE A 158 12.78 5.63 18.97
CA ILE A 158 11.34 5.83 18.96
C ILE A 158 11.08 7.08 19.80
N LEU A 159 10.69 8.17 19.15
CA LEU A 159 10.48 9.43 19.85
C LEU A 159 9.01 9.60 20.19
N ILE A 160 8.75 10.35 21.27
CA ILE A 160 7.41 10.68 21.72
C ILE A 160 7.28 12.20 21.71
N ASN A 161 6.34 12.72 20.93
CA ASN A 161 6.14 14.17 20.97
C ASN A 161 5.18 14.54 22.10
N ASP A 162 5.04 15.84 22.33
CA ASP A 162 4.20 16.29 23.43
C ASP A 162 2.73 15.95 23.23
N ALA A 163 2.32 15.61 22.00
CA ALA A 163 0.96 15.14 21.75
C ALA A 163 0.78 13.66 22.07
N GLY A 164 1.81 12.98 22.56
CA GLY A 164 1.71 11.56 22.82
C GLY A 164 1.76 10.70 21.58
N GLU A 165 2.31 11.20 20.48
CA GLU A 165 2.40 10.45 19.24
C GLU A 165 3.76 9.76 19.16
N VAL A 166 3.73 8.54 18.64
CA VAL A 166 4.91 7.68 18.56
C VAL A 166 5.51 7.83 17.17
N ARG A 167 6.76 8.27 17.11
CA ARG A 167 7.42 8.59 15.84
C ARG A 167 8.74 7.83 15.72
N LEU A 168 8.86 7.03 14.67
CA LEU A 168 10.15 6.41 14.37
C LEU A 168 11.12 7.47 13.85
N ALA A 169 12.37 7.39 14.31
CA ALA A 169 13.36 8.40 13.97
C ALA A 169 14.73 7.75 13.78
N ASP A 170 15.71 8.60 13.46
CA ASP A 170 17.11 8.24 13.23
C ASP A 170 17.30 7.21 12.13
N PHE A 171 17.24 7.68 10.88
CA PHE A 171 17.50 6.88 9.70
C PHE A 171 18.96 6.90 9.29
N GLY A 172 19.86 7.27 10.21
CA GLY A 172 21.27 7.32 9.87
C GLY A 172 21.83 5.98 9.46
N ILE A 173 21.49 4.92 10.20
CA ILE A 173 21.99 3.59 9.84
C ILE A 173 21.40 3.12 8.52
N SER A 174 20.08 3.32 8.34
CA SER A 174 19.44 2.98 7.07
C SER A 174 20.12 3.69 5.90
N ALA A 175 20.43 4.97 6.08
CA ALA A 175 21.09 5.73 5.03
C ALA A 175 22.52 5.25 4.79
N GLN A 176 23.24 4.94 5.87
CA GLN A 176 24.61 4.44 5.73
C GLN A 176 24.63 3.13 4.96
N ILE A 177 23.73 2.21 5.30
CA ILE A 177 23.67 0.93 4.59
C ILE A 177 23.33 1.14 3.12
N GLY A 178 22.34 2.00 2.84
CA GLY A 178 22.01 2.32 1.46
C GLY A 178 23.18 2.91 0.70
N ALA A 179 23.93 3.80 1.34
CA ALA A 179 25.10 4.39 0.68
C ALA A 179 26.17 3.35 0.43
N GLU A 180 26.40 2.45 1.39
CA GLU A 180 27.43 1.43 1.22
C GLU A 180 27.04 0.43 0.13
N LEU A 181 25.77 0.02 0.08
CA LEU A 181 25.30 -0.83 -1.00
C LEU A 181 25.53 -0.19 -2.36
N ALA A 182 25.17 1.09 -2.50
CA ALA A 182 25.32 1.77 -3.78
C ALA A 182 26.79 1.83 -4.19
N ARG A 183 27.67 2.11 -3.23
CA ARG A 183 29.09 2.19 -3.53
C ARG A 183 29.65 0.84 -3.95
N ARG A 184 29.30 -0.21 -3.20
CA ARG A 184 29.78 -1.54 -3.53
C ARG A 184 29.26 -2.02 -4.88
N LEU A 185 28.05 -1.60 -5.26
CA LEU A 185 27.52 -1.95 -6.57
C LEU A 185 28.29 -1.25 -7.68
N GLU A 186 28.71 0.00 -7.43
CA GLU A 186 29.49 0.74 -8.42
C GLU A 186 30.78 0.01 -8.78
N PHE A 187 31.32 -0.77 -7.85
CA PHE A 187 32.59 -1.45 -8.05
C PHE A 187 32.43 -2.97 -8.09
N ILE A 188 31.22 -3.46 -8.36
CA ILE A 188 30.97 -4.90 -8.37
C ILE A 188 31.77 -5.58 -9.47
N GLY A 189 32.08 -4.87 -10.56
CA GLY A 189 32.80 -5.46 -11.67
C GLY A 189 31.90 -6.31 -12.55
N THR A 190 32.54 -7.01 -13.47
CA THR A 190 31.80 -7.81 -14.45
C THR A 190 31.05 -8.94 -13.74
N PRO A 191 29.80 -9.21 -14.11
CA PRO A 191 28.97 -10.17 -13.37
C PRO A 191 28.83 -11.55 -13.98
N TYR A 192 29.44 -11.83 -15.14
CA TYR A 192 29.04 -13.01 -15.90
C TYR A 192 29.40 -14.32 -15.23
N TRP A 193 30.38 -14.33 -14.32
CA TRP A 193 30.79 -15.54 -13.62
C TRP A 193 30.23 -15.61 -12.20
N MET A 194 29.43 -14.62 -11.80
N MET A 194 29.37 -14.68 -11.83
CA MET A 194 28.94 -14.53 -10.43
CA MET A 194 28.95 -14.50 -10.44
C MET A 194 27.77 -15.46 -10.20
C MET A 194 27.73 -15.36 -10.15
N ALA A 195 27.76 -16.08 -9.02
CA ALA A 195 26.62 -16.90 -8.63
C ALA A 195 25.41 -16.01 -8.35
N PRO A 196 24.19 -16.54 -8.51
CA PRO A 196 23.00 -15.69 -8.29
C PRO A 196 22.92 -15.12 -6.89
N GLU A 197 23.35 -15.87 -5.88
CA GLU A 197 23.27 -15.35 -4.51
C GLU A 197 24.28 -14.22 -4.29
N VAL A 198 25.39 -14.23 -5.02
CA VAL A 198 26.33 -13.11 -4.95
C VAL A 198 25.73 -11.87 -5.62
N ALA A 199 25.06 -12.05 -6.75
CA ALA A 199 24.38 -10.93 -7.41
C ALA A 199 23.27 -10.38 -6.52
N ALA A 200 22.54 -11.25 -5.83
CA ALA A 200 21.45 -10.79 -4.97
C ALA A 200 21.98 -9.99 -3.78
N VAL A 201 23.07 -10.45 -3.16
CA VAL A 201 23.68 -9.68 -2.07
C VAL A 201 24.15 -8.31 -2.57
N ALA A 202 24.66 -8.27 -3.80
CA ALA A 202 25.16 -7.00 -4.34
C ALA A 202 24.03 -6.02 -4.59
N LEU A 203 22.87 -6.50 -5.05
CA LEU A 203 21.76 -5.63 -5.37
C LEU A 203 20.85 -5.35 -4.18
N LYS A 204 20.71 -6.30 -3.26
CA LYS A 204 19.71 -6.23 -2.21
C LYS A 204 20.28 -6.31 -0.79
N GLY A 205 21.56 -6.61 -0.63
CA GLY A 205 22.10 -6.90 0.68
C GLY A 205 21.80 -8.33 1.07
N GLY A 206 22.30 -8.71 2.25
CA GLY A 206 22.20 -10.08 2.69
C GLY A 206 20.97 -10.45 3.50
N TYR A 207 20.06 -9.51 3.74
CA TYR A 207 18.88 -9.75 4.57
C TYR A 207 17.78 -8.82 4.08
N ASN A 208 16.62 -8.89 4.72
CA ASN A 208 15.50 -8.07 4.28
C ASN A 208 14.82 -7.32 5.42
N GLU A 209 13.65 -6.73 5.11
CA GLU A 209 12.98 -5.83 6.04
C GLU A 209 12.48 -6.54 7.30
N LEU A 210 12.37 -7.87 7.28
CA LEU A 210 11.93 -8.58 8.48
C LEU A 210 12.92 -8.43 9.63
N CYS A 211 14.14 -7.95 9.37
CA CYS A 211 15.05 -7.67 10.48
C CYS A 211 14.44 -6.65 11.45
N ASP A 212 13.60 -5.74 10.94
CA ASP A 212 12.97 -4.72 11.80
C ASP A 212 11.96 -5.34 12.76
N ILE A 213 11.30 -6.43 12.35
CA ILE A 213 10.35 -7.11 13.22
C ILE A 213 11.05 -7.73 14.41
N TRP A 214 12.19 -8.38 14.17
CA TRP A 214 13.01 -8.89 15.27
C TRP A 214 13.39 -7.75 16.21
N SER A 215 13.89 -6.65 15.65
CA SER A 215 14.32 -5.53 16.49
C SER A 215 13.19 -4.98 17.34
N LEU A 216 11.96 -4.95 16.80
CA LEU A 216 10.82 -4.53 17.60
C LEU A 216 10.58 -5.49 18.77
N GLY A 217 10.73 -6.79 18.55
CA GLY A 217 10.60 -7.72 19.66
C GLY A 217 11.61 -7.46 20.76
N ILE A 218 12.86 -7.21 20.39
CA ILE A 218 13.87 -6.86 21.39
C ILE A 218 13.49 -5.56 22.09
N THR A 219 13.01 -4.58 21.33
CA THR A 219 12.58 -3.31 21.91
C THR A 219 11.46 -3.50 22.92
N ALA A 220 10.52 -4.40 22.64
CA ALA A 220 9.45 -4.66 23.60
C ALA A 220 10.00 -5.19 24.91
N ILE A 221 11.02 -6.06 24.85
CA ILE A 221 11.67 -6.53 26.08
C ILE A 221 12.41 -5.37 26.76
N GLU A 222 13.09 -4.54 25.96
CA GLU A 222 13.76 -3.36 26.48
C GLU A 222 12.79 -2.46 27.26
N LEU A 223 11.59 -2.25 26.74
CA LEU A 223 10.63 -1.37 27.42
C LEU A 223 10.09 -2.03 28.69
N ALA A 224 10.05 -3.36 28.72
CA ALA A 224 9.57 -4.10 29.87
C ALA A 224 10.63 -4.25 30.96
N GLU A 225 11.91 -4.31 30.58
CA GLU A 225 12.97 -4.70 31.51
C GLU A 225 14.10 -3.68 31.65
N LEU A 226 14.09 -2.61 30.86
CA LEU A 226 15.03 -1.49 30.90
C LEU A 226 16.38 -1.82 30.28
N GLN A 227 16.58 -3.03 29.75
CA GLN A 227 17.76 -3.43 29.02
C GLN A 227 17.33 -4.43 27.96
N PRO A 228 18.01 -4.48 26.82
CA PRO A 228 17.79 -5.59 25.89
C PRO A 228 18.40 -6.86 26.45
N PRO A 229 17.96 -8.03 26.01
CA PRO A 229 18.61 -9.27 26.45
C PRO A 229 20.09 -9.26 26.11
N LEU A 230 20.88 -9.88 26.98
CA LEU A 230 22.33 -10.01 26.83
C LEU A 230 23.07 -8.67 26.89
N PHE A 231 22.44 -7.64 27.46
CA PHE A 231 23.03 -6.32 27.55
C PHE A 231 24.39 -6.34 28.23
N ASP A 232 24.62 -7.31 29.12
CA ASP A 232 25.85 -7.40 29.89
C ASP A 232 26.88 -8.33 29.25
N VAL A 233 26.61 -8.84 28.06
CA VAL A 233 27.53 -9.73 27.36
C VAL A 233 28.33 -8.91 26.36
N HIS A 234 29.61 -9.24 26.21
CA HIS A 234 30.46 -8.53 25.28
C HIS A 234 29.83 -8.55 23.88
N PRO A 235 29.80 -7.41 23.19
CA PRO A 235 29.11 -7.36 21.88
C PRO A 235 29.62 -8.38 20.87
N LEU A 236 30.93 -8.65 20.84
CA LEU A 236 31.44 -9.63 19.88
C LEU A 236 30.96 -11.04 20.24
N ARG A 237 30.85 -11.34 21.53
CA ARG A 237 30.32 -12.64 21.94
C ARG A 237 28.85 -12.77 21.55
N VAL A 238 28.08 -11.70 21.65
CA VAL A 238 26.68 -11.75 21.25
C VAL A 238 26.58 -12.05 19.76
N LEU A 239 27.37 -11.36 18.94
CA LEU A 239 27.38 -11.62 17.51
C LEU A 239 27.71 -13.07 17.20
N PHE A 240 28.72 -13.63 17.90
CA PHE A 240 29.06 -15.02 17.67
C PHE A 240 27.90 -15.96 18.04
N LEU A 241 27.26 -15.72 19.19
CA LEU A 241 26.22 -16.62 19.66
C LEU A 241 25.05 -16.67 18.69
N MET A 242 24.67 -15.52 18.12
CA MET A 242 23.53 -15.47 17.21
C MET A 242 23.78 -16.21 15.90
N THR A 243 25.04 -16.37 15.51
CA THR A 243 25.37 -17.07 14.28
C THR A 243 25.58 -18.54 14.50
N LYS A 244 25.72 -18.97 15.75
CA LYS A 244 25.74 -20.39 16.07
C LYS A 244 24.41 -21.05 15.73
N SER A 245 24.47 -22.22 15.10
CA SER A 245 23.32 -23.12 15.13
C SER A 245 23.01 -23.47 16.57
N GLY A 246 21.71 -23.58 16.87
CA GLY A 246 21.25 -23.78 18.24
C GLY A 246 21.01 -22.50 19.01
N TYR A 247 21.24 -21.33 18.42
N TYR A 247 21.24 -21.34 18.46
CA TYR A 247 20.92 -20.07 19.08
CA TYR A 247 20.93 -20.10 19.14
C TYR A 247 19.44 -20.03 19.45
C TYR A 247 19.45 -20.04 19.46
N GLN A 248 19.16 -19.65 20.69
CA GLN A 248 17.79 -19.56 21.15
C GLN A 248 17.39 -18.10 21.25
N PRO A 249 16.27 -17.71 20.58
CA PRO A 249 15.81 -16.33 20.76
C PRO A 249 15.52 -16.03 22.20
N PRO A 250 15.75 -14.81 22.64
CA PRO A 250 15.48 -14.46 24.04
C PRO A 250 13.98 -14.36 24.33
N ARG A 251 13.69 -14.21 25.62
CA ARG A 251 12.32 -14.21 26.13
C ARG A 251 12.25 -13.17 27.24
N LEU A 252 11.01 -12.85 27.63
CA LEU A 252 10.82 -12.03 28.83
C LEU A 252 11.23 -12.84 30.05
N LYS A 253 11.88 -12.18 31.01
CA LYS A 253 12.52 -12.92 32.10
C LYS A 253 11.54 -13.22 33.25
N GLU A 254 10.61 -12.32 33.52
CA GLU A 254 9.70 -12.44 34.66
C GLU A 254 8.35 -12.89 34.10
N LYS A 255 8.22 -14.21 33.89
CA LYS A 255 7.11 -14.73 33.07
C LYS A 255 5.76 -14.35 33.65
N GLY A 256 5.64 -14.37 34.98
CA GLY A 256 4.36 -14.12 35.63
C GLY A 256 3.87 -12.69 35.58
N LYS A 257 4.74 -11.74 35.22
CA LYS A 257 4.35 -10.34 35.14
C LYS A 257 3.58 -10.00 33.86
N TRP A 258 3.62 -10.88 32.85
CA TRP A 258 3.17 -10.56 31.51
C TRP A 258 2.17 -11.60 31.03
N SER A 259 1.22 -11.15 30.20
CA SER A 259 0.17 -12.01 29.70
C SER A 259 0.69 -12.98 28.65
N ALA A 260 -0.08 -14.05 28.42
CA ALA A 260 0.24 -15.00 27.37
C ALA A 260 0.35 -14.31 26.02
N ALA A 261 -0.47 -13.29 25.77
CA ALA A 261 -0.41 -12.58 24.51
C ALA A 261 0.93 -11.87 24.33
N PHE A 262 1.43 -11.23 25.39
CA PHE A 262 2.74 -10.58 25.31
C PHE A 262 3.85 -11.61 25.09
N HIS A 263 3.83 -12.71 25.85
CA HIS A 263 4.80 -13.77 25.60
C HIS A 263 4.74 -14.27 24.16
N ASN A 264 3.54 -14.41 23.60
CA ASN A 264 3.44 -14.91 22.23
C ASN A 264 3.91 -13.88 21.21
N PHE A 265 3.60 -12.60 21.46
CA PHE A 265 4.14 -11.52 20.62
C PHE A 265 5.66 -11.59 20.55
N ILE A 266 6.30 -11.77 21.71
CA ILE A 266 7.75 -11.92 21.73
C ILE A 266 8.18 -13.17 20.95
N LYS A 267 7.47 -14.28 21.15
CA LYS A 267 7.85 -15.51 20.46
C LYS A 267 7.84 -15.35 18.95
N VAL A 268 6.82 -14.68 18.41
CA VAL A 268 6.68 -14.66 16.95
C VAL A 268 7.52 -13.56 16.31
N THR A 269 7.67 -12.40 16.98
CA THR A 269 8.56 -11.39 16.42
C THR A 269 10.00 -11.86 16.45
N LEU A 270 10.38 -12.64 17.46
CA LEU A 270 11.73 -13.18 17.55
C LEU A 270 11.83 -14.56 16.93
N THR A 271 11.14 -14.78 15.82
CA THR A 271 11.33 -16.00 15.04
C THR A 271 12.72 -15.97 14.43
N LYS A 272 13.47 -17.05 14.64
CA LYS A 272 14.87 -17.06 14.22
C LYS A 272 15.00 -17.02 12.70
N SER A 273 14.25 -17.86 12.00
CA SER A 273 14.36 -17.94 10.55
C SER A 273 13.63 -16.75 9.94
N PRO A 274 14.30 -15.88 9.18
CA PRO A 274 13.59 -14.77 8.54
C PRO A 274 12.54 -15.21 7.53
N LYS A 275 12.66 -16.39 6.94
CA LYS A 275 11.62 -16.87 6.04
C LYS A 275 10.30 -17.11 6.76
N LYS A 276 10.34 -17.39 8.06
CA LYS A 276 9.14 -17.67 8.83
C LYS A 276 8.72 -16.52 9.74
N ARG A 277 9.45 -15.41 9.74
CA ARG A 277 9.12 -14.31 10.64
C ARG A 277 8.00 -13.47 10.04
N PRO A 278 6.97 -13.14 10.81
CA PRO A 278 5.84 -12.39 10.26
C PRO A 278 6.19 -10.95 9.88
N SER A 279 5.53 -10.48 8.83
CA SER A 279 5.67 -9.10 8.37
C SER A 279 5.01 -8.14 9.35
N ALA A 280 5.27 -6.85 9.14
CA ALA A 280 4.63 -5.83 9.97
C ALA A 280 3.12 -5.88 9.84
N THR A 281 2.61 -6.01 8.61
CA THR A 281 1.16 -6.08 8.42
C THR A 281 0.58 -7.28 9.12
N LYS A 282 1.25 -8.44 9.03
CA LYS A 282 0.76 -9.62 9.73
C LYS A 282 0.78 -9.41 11.24
N MET A 283 1.85 -8.82 11.76
CA MET A 283 1.94 -8.58 13.21
C MET A 283 0.86 -7.64 13.71
N LEU A 284 0.38 -6.72 12.87
CA LEU A 284 -0.69 -5.82 13.30
C LEU A 284 -2.00 -6.55 13.59
N SER A 285 -2.14 -7.80 13.16
CA SER A 285 -3.30 -8.60 13.52
C SER A 285 -3.10 -9.41 14.79
N HIS A 286 -1.93 -9.30 15.43
CA HIS A 286 -1.68 -10.06 16.64
C HIS A 286 -2.55 -9.57 17.79
N GLN A 287 -2.92 -10.49 18.68
CA GLN A 287 -3.81 -10.16 19.79
C GLN A 287 -3.28 -9.01 20.63
N LEU A 288 -1.96 -8.97 20.84
CA LEU A 288 -1.40 -7.96 21.74
C LEU A 288 -1.66 -6.54 21.23
N VAL A 289 -1.60 -6.35 19.91
CA VAL A 289 -1.71 -5.01 19.34
C VAL A 289 -3.09 -4.72 18.76
N SER A 290 -4.05 -5.64 18.88
CA SER A 290 -5.42 -5.36 18.46
C SER A 290 -6.42 -5.50 19.60
N GLN A 291 -5.95 -5.69 20.82
CA GLN A 291 -6.81 -5.80 21.98
C GLN A 291 -7.47 -4.45 22.28
N PRO A 292 -8.56 -4.44 23.06
CA PRO A 292 -9.21 -3.15 23.36
C PRO A 292 -8.39 -2.34 24.37
N GLY A 293 -8.67 -1.05 24.40
CA GLY A 293 -8.01 -0.15 25.33
C GLY A 293 -6.66 0.36 24.90
N LEU A 294 -6.26 0.14 23.66
CA LEU A 294 -5.01 0.70 23.13
C LEU A 294 -5.32 2.08 22.59
N ASN A 295 -5.01 3.11 23.36
CA ASN A 295 -5.31 4.47 22.97
C ASN A 295 -4.17 5.39 23.40
N ARG A 296 -4.20 6.60 22.83
CA ARG A 296 -3.14 7.58 23.06
C ARG A 296 -3.06 7.99 24.53
N GLY A 297 -4.17 7.86 25.27
CA GLY A 297 -4.13 8.18 26.68
C GLY A 297 -3.09 7.40 27.45
N LEU A 298 -2.76 6.18 26.99
CA LEU A 298 -1.72 5.40 27.64
C LEU A 298 -0.38 6.12 27.61
N ILE A 299 -0.07 6.76 26.48
CA ILE A 299 1.19 7.50 26.35
C ILE A 299 1.13 8.83 27.09
N LEU A 300 -0.03 9.50 27.06
CA LEU A 300 -0.15 10.74 27.83
C LEU A 300 -0.03 10.47 29.32
N ASP A 301 -0.51 9.32 29.78
CA ASP A 301 -0.30 8.92 31.18
C ASP A 301 1.17 8.68 31.47
N LEU A 302 1.90 8.07 30.52
CA LEU A 302 3.35 7.90 30.68
C LEU A 302 4.04 9.25 30.78
N LEU A 303 3.64 10.21 29.94
CA LEU A 303 4.22 11.55 29.99
C LEU A 303 3.86 12.28 31.28
N ASP A 304 2.66 12.06 31.81
CA ASP A 304 2.32 12.61 33.11
C ASP A 304 3.25 12.07 34.19
N LYS A 305 3.55 10.77 34.15
CA LYS A 305 4.48 10.18 35.10
C LYS A 305 5.88 10.74 34.91
N LEU A 306 6.29 10.93 33.65
CA LEU A 306 7.58 11.53 33.36
C LEU A 306 7.68 12.95 33.92
N LYS A 307 6.62 13.74 33.76
CA LYS A 307 6.62 15.10 34.29
C LYS A 307 6.68 15.10 35.81
N ASN A 308 5.98 14.18 36.45
CA ASN A 308 6.09 14.05 37.90
C ASN A 308 7.50 13.67 38.32
N GLY A 309 8.16 12.81 37.53
CA GLY A 309 9.53 12.44 37.84
C GLY A 309 10.54 13.55 37.60
N ASN A 310 10.22 14.50 36.74
CA ASN A 310 11.11 15.61 36.44
C ASN A 310 10.72 16.86 37.23
N ASP B 20 -3.87 7.94 -0.37
CA ASP B 20 -3.60 6.59 0.10
C ASP B 20 -2.36 6.57 1.00
N PRO B 21 -2.40 5.76 2.05
CA PRO B 21 -1.29 5.76 3.01
C PRO B 21 0.03 5.30 2.42
N ASP B 22 0.02 4.58 1.30
N ASP B 22 0.03 4.55 1.31
CA ASP B 22 1.22 3.95 0.77
CA ASP B 22 1.25 3.95 0.78
C ASP B 22 1.68 4.55 -0.57
C ASP B 22 1.68 4.56 -0.57
N ILE B 23 1.20 5.76 -0.89
CA ILE B 23 1.61 6.41 -2.12
C ILE B 23 3.10 6.73 -2.07
N PHE B 24 3.78 6.58 -3.20
CA PHE B 24 5.18 6.96 -3.33
C PHE B 24 5.24 8.46 -3.62
N ASN B 25 5.94 9.21 -2.76
CA ASN B 25 6.16 10.63 -3.02
C ASN B 25 7.43 10.79 -3.84
N ARG B 26 7.36 10.28 -5.07
CA ARG B 26 8.52 10.18 -5.95
C ARG B 26 8.09 10.41 -7.39
N ASP B 27 9.07 10.73 -8.22
CA ASP B 27 8.83 10.96 -9.65
C ASP B 27 8.63 9.62 -10.35
N PRO B 28 7.46 9.36 -10.94
CA PRO B 28 7.29 8.11 -11.68
C PRO B 28 8.24 7.98 -12.85
N ARG B 29 8.68 9.10 -13.43
CA ARG B 29 9.61 9.05 -14.54
C ARG B 29 11.00 8.58 -14.11
N ASP B 30 11.30 8.61 -12.81
CA ASP B 30 12.52 7.97 -12.32
C ASP B 30 12.42 6.46 -12.31
N HIS B 31 11.22 5.91 -12.48
CA HIS B 31 11.01 4.48 -12.41
C HIS B 31 10.49 3.86 -13.70
N TYR B 32 9.84 4.65 -14.56
CA TYR B 32 9.27 4.12 -15.80
C TYR B 32 9.61 5.04 -16.95
N ASP B 33 9.87 4.44 -18.11
CA ASP B 33 9.96 5.16 -19.37
C ASP B 33 8.59 5.15 -20.01
N LEU B 34 8.01 6.33 -20.20
CA LEU B 34 6.71 6.45 -20.85
C LEU B 34 6.90 6.19 -22.34
N LEU B 35 6.51 5.00 -22.79
CA LEU B 35 6.72 4.62 -24.18
C LEU B 35 5.74 5.31 -25.11
N GLN B 36 4.46 5.29 -24.78
CA GLN B 36 3.45 5.90 -25.65
C GLN B 36 2.21 6.21 -24.83
N ARG B 37 1.57 7.33 -25.15
CA ARG B 37 0.26 7.65 -24.61
C ARG B 37 -0.79 6.80 -25.30
N LEU B 38 -1.55 6.03 -24.53
CA LEU B 38 -2.56 5.12 -25.07
C LEU B 38 -3.92 5.77 -25.22
N GLY B 39 -4.22 6.77 -24.41
CA GLY B 39 -5.52 7.41 -24.45
C GLY B 39 -5.65 8.39 -23.30
N GLY B 40 -6.80 9.04 -23.24
CA GLY B 40 -7.03 10.03 -22.20
C GLY B 40 -8.24 10.91 -22.42
N GLY B 41 -8.77 11.45 -21.33
CA GLY B 41 -9.89 12.36 -21.38
C GLY B 41 -10.06 13.11 -20.07
N THR B 42 -11.30 13.41 -19.69
CA THR B 42 -11.55 14.08 -18.42
C THR B 42 -11.17 13.19 -17.23
N TYR B 43 -11.10 11.88 -17.43
CA TYR B 43 -10.69 10.94 -16.39
C TYR B 43 -9.19 10.88 -16.19
N GLY B 44 -8.42 11.66 -16.94
CA GLY B 44 -6.98 11.61 -16.91
C GLY B 44 -6.41 11.06 -18.21
N GLU B 45 -5.20 10.51 -18.11
CA GLU B 45 -4.49 9.97 -19.26
C GLU B 45 -3.87 8.63 -18.89
N VAL B 46 -3.79 7.72 -19.86
CA VAL B 46 -3.23 6.39 -19.65
C VAL B 46 -2.05 6.21 -20.59
N PHE B 47 -0.93 5.75 -20.04
CA PHE B 47 0.31 5.60 -20.79
C PHE B 47 0.77 4.15 -20.76
N LYS B 48 1.26 3.68 -21.91
CA LYS B 48 2.06 2.47 -21.95
C LYS B 48 3.46 2.83 -21.50
N ALA B 49 3.97 2.11 -20.50
CA ALA B 49 5.27 2.43 -19.92
C ALA B 49 6.04 1.15 -19.66
N ARG B 50 7.36 1.31 -19.48
CA ARG B 50 8.24 0.19 -19.23
C ARG B 50 8.99 0.42 -17.93
N ASP B 51 9.01 -0.59 -17.07
CA ASP B 51 9.80 -0.54 -15.84
C ASP B 51 11.27 -0.40 -16.20
N LYS B 52 11.93 0.61 -15.62
CA LYS B 52 13.33 0.85 -15.94
C LYS B 52 14.22 -0.29 -15.45
N VAL B 53 13.88 -0.92 -14.33
CA VAL B 53 14.71 -1.97 -13.77
C VAL B 53 14.44 -3.30 -14.48
N SER B 54 13.16 -3.67 -14.60
CA SER B 54 12.79 -5.00 -15.05
C SER B 54 12.49 -5.08 -16.55
N GLY B 55 12.20 -3.96 -17.19
CA GLY B 55 11.78 -3.98 -18.58
C GLY B 55 10.37 -4.44 -18.82
N ASP B 56 9.60 -4.73 -17.77
CA ASP B 56 8.23 -5.17 -17.92
C ASP B 56 7.33 -4.00 -18.27
N LEU B 57 6.33 -4.27 -19.11
CA LEU B 57 5.37 -3.25 -19.50
C LEU B 57 4.31 -3.07 -18.41
N VAL B 58 3.89 -1.83 -18.22
CA VAL B 58 2.79 -1.48 -17.32
C VAL B 58 1.92 -0.44 -18.01
N ALA B 59 0.75 -0.22 -17.44
CA ALA B 59 -0.09 0.90 -17.80
C ALA B 59 -0.08 1.89 -16.64
N LEU B 60 0.17 3.15 -16.95
CA LEU B 60 0.20 4.22 -15.95
C LEU B 60 -0.97 5.14 -16.21
N LYS B 61 -1.88 5.25 -15.24
CA LYS B 61 -3.00 6.17 -15.32
C LYS B 61 -2.64 7.43 -14.54
N MET B 62 -2.68 8.57 -15.21
N MET B 62 -2.66 8.55 -15.22
CA MET B 62 -2.31 9.86 -14.62
CA MET B 62 -2.33 9.84 -14.61
C MET B 62 -3.58 10.67 -14.40
C MET B 62 -3.62 10.61 -14.39
N VAL B 63 -3.84 11.06 -13.15
CA VAL B 63 -5.03 11.81 -12.79
C VAL B 63 -4.62 13.05 -12.02
N LYS B 64 -5.42 14.12 -12.14
CA LYS B 64 -5.13 15.35 -11.43
C LYS B 64 -5.28 15.15 -9.93
N MET B 65 -4.31 15.65 -9.17
CA MET B 65 -4.32 15.51 -7.71
C MET B 65 -3.61 16.73 -7.13
N GLU B 66 -4.37 17.80 -6.94
CA GLU B 66 -3.89 19.11 -6.52
C GLU B 66 -4.10 19.30 -5.03
N PRO B 67 -3.39 20.26 -4.41
CA PRO B 67 -3.33 20.33 -2.94
C PRO B 67 -4.66 20.27 -2.21
N ASP B 68 -5.69 21.00 -2.68
CA ASP B 68 -6.96 21.06 -1.98
C ASP B 68 -8.05 20.20 -2.61
N ASP B 69 -7.67 19.26 -3.48
CA ASP B 69 -8.65 18.40 -4.13
C ASP B 69 -9.19 17.36 -3.15
N ASP B 70 -10.42 16.91 -3.42
CA ASP B 70 -11.01 15.82 -2.66
C ASP B 70 -10.38 14.52 -3.12
N VAL B 71 -9.80 13.76 -2.18
CA VAL B 71 -9.04 12.57 -2.52
C VAL B 71 -9.79 11.29 -2.21
N SER B 72 -11.00 11.38 -1.63
CA SER B 72 -11.65 10.21 -1.04
C SER B 72 -11.96 9.14 -2.08
N THR B 73 -12.35 9.54 -3.30
CA THR B 73 -12.71 8.56 -4.31
C THR B 73 -11.47 7.85 -4.86
N LEU B 74 -10.44 8.62 -5.24
CA LEU B 74 -9.19 8.01 -5.67
C LEU B 74 -8.58 7.18 -4.54
N GLN B 75 -8.74 7.64 -3.30
CA GLN B 75 -8.30 6.88 -2.14
C GLN B 75 -8.93 5.50 -2.12
N LYS B 76 -10.25 5.43 -2.32
CA LYS B 76 -10.94 4.15 -2.27
C LYS B 76 -10.55 3.28 -3.46
N GLU B 77 -10.36 3.87 -4.64
CA GLU B 77 -9.95 3.08 -5.81
C GLU B 77 -8.61 2.40 -5.57
N ILE B 78 -7.63 3.14 -5.04
CA ILE B 78 -6.33 2.56 -4.74
C ILE B 78 -6.46 1.48 -3.67
N LEU B 79 -7.33 1.71 -2.68
CA LEU B 79 -7.53 0.71 -1.62
C LEU B 79 -8.05 -0.60 -2.20
N ILE B 80 -8.97 -0.51 -3.16
CA ILE B 80 -9.51 -1.71 -3.81
C ILE B 80 -8.42 -2.43 -4.58
N LEU B 81 -7.66 -1.69 -5.41
CA LEU B 81 -6.62 -2.30 -6.23
C LEU B 81 -5.52 -2.92 -5.39
N LYS B 82 -5.08 -2.23 -4.34
CA LYS B 82 -3.92 -2.68 -3.58
C LYS B 82 -4.19 -3.97 -2.82
N THR B 83 -5.44 -4.26 -2.50
CA THR B 83 -5.79 -5.44 -1.70
C THR B 83 -6.29 -6.60 -2.53
N CYS B 84 -6.27 -6.50 -3.86
CA CYS B 84 -6.58 -7.61 -4.74
C CYS B 84 -5.30 -8.30 -5.18
N ARG B 85 -5.30 -9.63 -5.16
CA ARG B 85 -4.21 -10.44 -5.67
C ARG B 85 -4.85 -11.65 -6.34
N HIS B 86 -5.31 -11.45 -7.57
CA HIS B 86 -5.97 -12.51 -8.34
C HIS B 86 -5.73 -12.27 -9.81
N ALA B 87 -5.42 -13.34 -10.54
CA ALA B 87 -5.02 -13.20 -11.93
C ALA B 87 -6.06 -12.46 -12.77
N ASN B 88 -7.35 -12.59 -12.45
CA ASN B 88 -8.40 -12.00 -13.27
C ASN B 88 -8.76 -10.57 -12.87
N ILE B 89 -8.03 -9.99 -11.92
CA ILE B 89 -8.15 -8.58 -11.54
C ILE B 89 -6.84 -7.91 -11.93
N VAL B 90 -6.93 -6.77 -12.62
CA VAL B 90 -5.71 -6.09 -13.06
C VAL B 90 -4.73 -5.94 -11.91
N ALA B 91 -3.48 -6.31 -12.17
CA ALA B 91 -2.44 -6.20 -11.16
C ALA B 91 -2.16 -4.74 -10.85
N TYR B 92 -1.72 -4.49 -9.61
CA TYR B 92 -1.47 -3.15 -9.11
C TYR B 92 -0.02 -3.08 -8.67
N HIS B 93 0.69 -2.02 -9.07
CA HIS B 93 2.12 -1.89 -8.81
C HIS B 93 2.46 -0.63 -8.04
N GLY B 94 1.48 0.01 -7.42
CA GLY B 94 1.72 1.19 -6.61
C GLY B 94 1.30 2.46 -7.31
N SER B 95 1.32 3.56 -6.55
CA SER B 95 0.92 4.87 -7.03
C SER B 95 1.94 5.92 -6.65
N TYR B 96 2.02 6.97 -7.45
CA TYR B 96 2.98 8.04 -7.27
C TYR B 96 2.25 9.37 -7.26
N LEU B 97 2.60 10.22 -6.31
CA LEU B 97 2.11 11.60 -6.27
C LEU B 97 3.27 12.51 -6.64
N TRP B 98 3.14 13.21 -7.77
CA TRP B 98 4.25 14.01 -8.27
C TRP B 98 3.71 15.04 -9.24
N LEU B 99 4.24 16.27 -9.12
CA LEU B 99 3.83 17.37 -10.00
C LEU B 99 2.32 17.55 -10.02
N GLN B 100 1.69 17.35 -8.86
CA GLN B 100 0.25 17.52 -8.68
C GLN B 100 -0.56 16.55 -9.53
N LYS B 101 0.01 15.38 -9.83
CA LYS B 101 -0.68 14.30 -10.51
C LYS B 101 -0.50 13.03 -9.70
N LEU B 102 -1.54 12.20 -9.66
CA LEU B 102 -1.44 10.86 -9.11
C LEU B 102 -1.28 9.88 -10.27
N TRP B 103 -0.23 9.07 -10.22
CA TRP B 103 0.07 8.07 -11.24
C TRP B 103 -0.21 6.69 -10.64
N ILE B 104 -1.25 6.02 -11.16
CA ILE B 104 -1.64 4.70 -10.69
C ILE B 104 -1.06 3.69 -11.67
N CYS B 105 -0.19 2.80 -11.18
CA CYS B 105 0.53 1.87 -12.04
C CYS B 105 -0.15 0.51 -12.01
N MET B 106 -0.56 0.02 -13.17
CA MET B 106 -1.38 -1.19 -13.27
C MET B 106 -0.90 -2.08 -14.41
N GLU B 107 -1.57 -3.22 -14.55
CA GLU B 107 -1.18 -4.22 -15.53
C GLU B 107 -1.38 -3.70 -16.95
N PHE B 108 -0.41 -4.00 -17.81
CA PHE B 108 -0.53 -3.68 -19.23
C PHE B 108 -1.31 -4.79 -19.93
N CYS B 109 -2.43 -4.44 -20.54
CA CYS B 109 -3.28 -5.37 -21.27
C CYS B 109 -3.36 -4.86 -22.71
N GLY B 110 -2.46 -5.37 -23.56
CA GLY B 110 -2.11 -4.72 -24.81
C GLY B 110 -3.17 -4.74 -25.89
N ALA B 111 -4.27 -5.48 -25.70
CA ALA B 111 -5.36 -5.47 -26.68
C ALA B 111 -6.48 -4.54 -26.28
N GLY B 112 -6.36 -3.85 -25.14
CA GLY B 112 -7.41 -2.95 -24.72
C GLY B 112 -8.60 -3.70 -24.14
N SER B 113 -9.77 -3.11 -24.29
CA SER B 113 -10.98 -3.71 -23.75
C SER B 113 -11.69 -4.52 -24.82
N LEU B 114 -12.61 -5.38 -24.37
CA LEU B 114 -13.44 -6.11 -25.33
C LEU B 114 -14.24 -5.17 -26.21
N GLN B 115 -14.62 -4.00 -25.68
CA GLN B 115 -15.33 -3.02 -26.48
C GLN B 115 -14.44 -2.47 -27.59
N ASP B 116 -13.17 -2.19 -27.28
CA ASP B 116 -12.22 -1.81 -28.33
C ASP B 116 -12.14 -2.88 -29.41
N ILE B 117 -12.19 -4.15 -29.01
CA ILE B 117 -11.99 -5.24 -29.95
C ILE B 117 -13.24 -5.45 -30.80
N TYR B 118 -14.41 -5.56 -30.17
CA TYR B 118 -15.60 -5.92 -30.93
C TYR B 118 -16.08 -4.81 -31.86
N GLN B 119 -15.68 -3.56 -31.62
CA GLN B 119 -15.98 -2.48 -32.57
C GLN B 119 -15.30 -2.72 -33.92
N VAL B 120 -14.30 -3.59 -33.96
CA VAL B 120 -13.62 -3.95 -35.20
C VAL B 120 -14.01 -5.35 -35.67
N THR B 121 -14.01 -6.32 -34.76
CA THR B 121 -14.24 -7.71 -35.14
C THR B 121 -15.71 -8.05 -35.38
N GLY B 122 -16.64 -7.32 -34.76
CA GLY B 122 -18.00 -7.78 -34.73
C GLY B 122 -18.22 -8.71 -33.56
N SER B 123 -19.41 -9.33 -33.53
CA SER B 123 -19.82 -10.11 -32.38
C SER B 123 -18.87 -11.29 -32.14
N LEU B 124 -18.74 -11.67 -30.88
CA LEU B 124 -17.89 -12.79 -30.51
C LEU B 124 -18.64 -14.11 -30.70
N SER B 125 -17.88 -15.19 -30.86
CA SER B 125 -18.49 -16.50 -30.92
C SER B 125 -18.97 -16.93 -29.54
N GLU B 126 -19.84 -17.94 -29.50
CA GLU B 126 -20.34 -18.41 -28.21
C GLU B 126 -19.20 -18.94 -27.34
N LEU B 127 -18.25 -19.66 -27.95
CA LEU B 127 -17.12 -20.16 -27.16
C LEU B 127 -16.28 -19.01 -26.61
N GLN B 128 -16.04 -17.99 -27.42
CA GLN B 128 -15.31 -16.82 -26.94
C GLN B 128 -16.02 -16.15 -25.77
N ILE B 129 -17.34 -15.99 -25.87
CA ILE B 129 -18.11 -15.39 -24.78
C ILE B 129 -18.08 -16.28 -23.54
N SER B 130 -18.16 -17.61 -23.74
CA SER B 130 -18.14 -18.53 -22.60
C SER B 130 -16.83 -18.41 -21.83
N TYR B 131 -15.70 -18.35 -22.55
CA TYR B 131 -14.41 -18.19 -21.90
C TYR B 131 -14.33 -16.86 -21.17
N VAL B 132 -14.77 -15.77 -21.81
CA VAL B 132 -14.76 -14.47 -21.15
C VAL B 132 -15.59 -14.52 -19.86
N CYS B 133 -16.79 -15.09 -19.96
CA CYS B 133 -17.67 -15.16 -18.77
C CYS B 133 -17.04 -15.98 -17.66
N ARG B 134 -16.40 -17.10 -17.99
CA ARG B 134 -15.74 -17.88 -16.96
C ARG B 134 -14.66 -17.05 -16.26
N GLU B 135 -13.82 -16.36 -17.05
CA GLU B 135 -12.74 -15.58 -16.47
C GLU B 135 -13.28 -14.43 -15.62
N VAL B 136 -14.31 -13.72 -16.11
CA VAL B 136 -14.92 -12.65 -15.33
C VAL B 136 -15.51 -13.21 -14.03
N LEU B 137 -16.19 -14.35 -14.11
CA LEU B 137 -16.77 -14.96 -12.92
C LEU B 137 -15.69 -15.35 -11.91
N GLN B 138 -14.52 -15.80 -12.39
CA GLN B 138 -13.45 -16.09 -11.46
C GLN B 138 -13.01 -14.83 -10.73
N GLY B 139 -12.89 -13.72 -11.45
CA GLY B 139 -12.57 -12.46 -10.80
C GLY B 139 -13.66 -11.98 -9.86
N LEU B 140 -14.94 -12.12 -10.27
CA LEU B 140 -16.04 -11.69 -9.41
C LEU B 140 -16.14 -12.51 -8.13
N ALA B 141 -15.97 -13.83 -8.24
CA ALA B 141 -15.98 -14.66 -7.03
C ALA B 141 -14.91 -14.20 -6.06
N TYR B 142 -13.73 -13.84 -6.57
CA TYR B 142 -12.67 -13.34 -5.71
C TYR B 142 -13.05 -12.01 -5.07
N LEU B 143 -13.51 -11.05 -5.88
CA LEU B 143 -13.91 -9.76 -5.33
C LEU B 143 -15.00 -9.92 -4.27
N HIS B 144 -16.02 -10.73 -4.59
CA HIS B 144 -17.13 -10.91 -3.66
C HIS B 144 -16.67 -11.59 -2.37
N SER B 145 -15.67 -12.48 -2.46
CA SER B 145 -15.13 -13.10 -1.26
C SER B 145 -14.46 -12.09 -0.34
N GLN B 146 -14.07 -10.92 -0.87
CA GLN B 146 -13.50 -9.84 -0.08
C GLN B 146 -14.55 -8.80 0.30
N LYS B 147 -15.82 -9.07 0.02
CA LYS B 147 -16.90 -8.10 0.21
C LYS B 147 -16.69 -6.85 -0.64
N LYS B 148 -16.09 -7.01 -1.81
CA LYS B 148 -16.00 -5.96 -2.80
C LYS B 148 -17.04 -6.21 -3.89
N ILE B 149 -17.56 -5.12 -4.45
CA ILE B 149 -18.51 -5.17 -5.55
C ILE B 149 -17.94 -4.31 -6.67
N HIS B 150 -17.90 -4.85 -7.90
CA HIS B 150 -17.36 -4.06 -8.99
C HIS B 150 -18.31 -2.94 -9.40
N ARG B 151 -19.59 -3.26 -9.57
CA ARG B 151 -20.68 -2.35 -9.85
C ARG B 151 -20.67 -1.79 -11.28
N ASP B 152 -19.70 -2.13 -12.11
CA ASP B 152 -19.61 -1.54 -13.44
C ASP B 152 -19.12 -2.58 -14.46
N ILE B 153 -19.63 -3.80 -14.37
CA ILE B 153 -19.24 -4.84 -15.33
C ILE B 153 -19.84 -4.52 -16.69
N LYS B 154 -18.99 -4.46 -17.71
N LYS B 154 -18.99 -4.48 -17.71
CA LYS B 154 -19.38 -4.21 -19.09
CA LYS B 154 -19.38 -4.20 -19.09
C LYS B 154 -18.16 -4.48 -19.95
C LYS B 154 -18.15 -4.43 -19.96
N GLY B 155 -18.38 -4.55 -21.26
CA GLY B 155 -17.29 -4.87 -22.17
C GLY B 155 -16.12 -3.89 -22.11
N ALA B 156 -16.40 -2.61 -21.86
CA ALA B 156 -15.33 -1.63 -21.79
C ALA B 156 -14.43 -1.82 -20.58
N ASN B 157 -14.87 -2.54 -19.55
CA ASN B 157 -14.09 -2.73 -18.33
C ASN B 157 -13.50 -4.12 -18.21
N ILE B 158 -13.56 -4.91 -19.27
CA ILE B 158 -12.92 -6.22 -19.34
C ILE B 158 -11.76 -6.07 -20.31
N LEU B 159 -10.54 -6.14 -19.79
CA LEU B 159 -9.35 -5.94 -20.59
C LEU B 159 -8.74 -7.26 -21.02
N ILE B 160 -8.02 -7.22 -22.14
CA ILE B 160 -7.47 -8.40 -22.79
C ILE B 160 -5.99 -8.14 -23.05
N ASN B 161 -5.14 -9.07 -22.63
CA ASN B 161 -3.72 -8.92 -22.94
C ASN B 161 -3.35 -9.68 -24.22
N ASP B 162 -2.09 -9.54 -24.65
CA ASP B 162 -1.69 -10.15 -25.91
C ASP B 162 -1.68 -11.67 -25.85
N ALA B 163 -1.68 -12.25 -24.66
CA ALA B 163 -1.78 -13.70 -24.49
C ALA B 163 -3.22 -14.20 -24.51
N GLY B 164 -4.19 -13.31 -24.68
CA GLY B 164 -5.59 -13.72 -24.64
C GLY B 164 -6.18 -13.89 -23.26
N GLU B 165 -5.50 -13.40 -22.23
CA GLU B 165 -5.98 -13.47 -20.87
C GLU B 165 -6.89 -12.28 -20.55
N VAL B 166 -7.75 -12.47 -19.56
CA VAL B 166 -8.89 -11.60 -19.29
C VAL B 166 -8.73 -10.99 -17.90
N ARG B 167 -8.86 -9.67 -17.81
CA ARG B 167 -8.74 -8.98 -16.53
C ARG B 167 -9.84 -7.97 -16.35
N LEU B 168 -10.47 -8.00 -15.19
CA LEU B 168 -11.43 -6.97 -14.79
C LEU B 168 -10.67 -5.71 -14.40
N ALA B 169 -11.18 -4.56 -14.82
CA ALA B 169 -10.51 -3.29 -14.59
C ALA B 169 -11.52 -2.19 -14.27
N ASP B 170 -10.97 -1.03 -13.94
CA ASP B 170 -11.69 0.21 -13.71
C ASP B 170 -12.69 0.14 -12.56
N PHE B 171 -12.17 0.29 -11.34
CA PHE B 171 -12.96 0.33 -10.13
C PHE B 171 -13.42 1.74 -9.77
N GLY B 172 -13.49 2.63 -10.76
CA GLY B 172 -13.86 4.01 -10.46
C GLY B 172 -15.26 4.14 -9.89
N ILE B 173 -16.23 3.48 -10.50
CA ILE B 173 -17.61 3.56 -10.00
C ILE B 173 -17.71 2.92 -8.62
N SER B 174 -17.06 1.75 -8.44
CA SER B 174 -17.05 1.12 -7.12
C SER B 174 -16.43 2.06 -6.08
N ALA B 175 -15.37 2.77 -6.45
CA ALA B 175 -14.72 3.70 -5.53
C ALA B 175 -15.62 4.89 -5.22
N GLN B 176 -16.28 5.44 -6.24
CA GLN B 176 -17.20 6.55 -6.00
C GLN B 176 -18.31 6.16 -5.03
N ILE B 177 -18.90 4.98 -5.23
CA ILE B 177 -19.98 4.54 -4.36
C ILE B 177 -19.46 4.27 -2.95
N GLY B 178 -18.31 3.60 -2.84
CA GLY B 178 -17.73 3.36 -1.53
C GLY B 178 -17.42 4.65 -0.79
N ALA B 179 -17.00 5.68 -1.52
CA ALA B 179 -16.75 6.97 -0.90
C ALA B 179 -18.07 7.68 -0.58
N GLU B 180 -19.03 7.64 -1.50
CA GLU B 180 -20.32 8.28 -1.27
C GLU B 180 -21.04 7.66 -0.08
N LEU B 181 -21.08 6.33 -0.02
CA LEU B 181 -21.74 5.65 1.09
C LEU B 181 -21.12 6.02 2.43
N ALA B 182 -19.79 6.17 2.46
CA ALA B 182 -19.13 6.55 3.71
C ALA B 182 -19.42 8.00 4.08
N ARG B 183 -19.49 8.89 3.09
CA ARG B 183 -19.84 10.28 3.37
C ARG B 183 -21.24 10.38 3.97
N ARG B 184 -22.21 9.72 3.33
CA ARG B 184 -23.56 9.65 3.90
C ARG B 184 -23.56 8.99 5.27
N LEU B 185 -22.58 8.14 5.53
CA LEU B 185 -22.43 7.49 6.83
C LEU B 185 -21.86 8.48 7.84
N THR B 190 -28.58 9.41 11.78
CA THR B 190 -29.24 8.61 12.78
C THR B 190 -30.27 7.68 12.12
N PRO B 191 -30.26 6.41 12.51
CA PRO B 191 -31.02 5.40 11.76
C PRO B 191 -32.35 4.99 12.38
N TYR B 192 -32.65 5.48 13.59
CA TYR B 192 -33.70 4.85 14.39
C TYR B 192 -35.10 5.01 13.81
N TRP B 193 -35.33 6.03 12.98
CA TRP B 193 -36.63 6.26 12.36
C TRP B 193 -36.72 5.72 10.93
N MET B 194 -35.64 5.12 10.41
CA MET B 194 -35.61 4.68 9.02
C MET B 194 -36.39 3.39 8.82
N ALA B 195 -37.19 3.35 7.76
CA ALA B 195 -37.76 2.10 7.31
C ALA B 195 -36.62 1.14 6.92
N PRO B 196 -36.84 -0.17 7.00
CA PRO B 196 -35.76 -1.11 6.66
C PRO B 196 -35.20 -0.91 5.26
N GLU B 197 -36.05 -0.58 4.29
CA GLU B 197 -35.56 -0.35 2.94
C GLU B 197 -34.75 0.92 2.82
N VAL B 198 -34.97 1.90 3.71
CA VAL B 198 -34.13 3.08 3.76
C VAL B 198 -32.81 2.77 4.43
N ALA B 199 -32.84 2.00 5.51
CA ALA B 199 -31.61 1.60 6.19
C ALA B 199 -30.70 0.82 5.25
N ALA B 200 -31.29 0.02 4.36
CA ALA B 200 -30.47 -0.75 3.41
C ALA B 200 -29.71 0.16 2.46
N VAL B 201 -30.34 1.26 2.03
CA VAL B 201 -29.65 2.23 1.20
C VAL B 201 -28.57 2.95 1.99
N ALA B 202 -28.88 3.35 3.22
CA ALA B 202 -27.91 4.10 4.02
C ALA B 202 -26.66 3.26 4.32
N LEU B 203 -26.84 1.97 4.53
CA LEU B 203 -25.73 1.08 4.92
C LEU B 203 -25.04 0.45 3.72
N LYS B 204 -25.80 -0.19 2.83
CA LYS B 204 -25.25 -0.95 1.72
C LYS B 204 -25.36 -0.26 0.38
N GLY B 205 -26.24 0.74 0.25
CA GLY B 205 -26.52 1.33 -1.04
C GLY B 205 -27.76 0.79 -1.73
N GLY B 206 -28.45 -0.18 -1.11
CA GLY B 206 -29.71 -0.68 -1.62
C GLY B 206 -29.63 -1.98 -2.39
N TYR B 207 -28.47 -2.60 -2.50
CA TYR B 207 -28.30 -3.82 -3.28
C TYR B 207 -27.07 -4.56 -2.75
N ASN B 208 -26.79 -5.73 -3.35
CA ASN B 208 -25.61 -6.48 -2.93
C ASN B 208 -24.74 -6.91 -4.11
N GLU B 209 -23.78 -7.80 -3.84
CA GLU B 209 -22.79 -8.18 -4.84
C GLU B 209 -23.41 -8.88 -6.04
N LEU B 210 -24.62 -9.41 -5.92
CA LEU B 210 -25.28 -10.08 -7.03
C LEU B 210 -25.63 -9.14 -8.18
N CYS B 211 -25.54 -7.83 -7.97
CA CYS B 211 -25.69 -6.92 -9.10
C CYS B 211 -24.64 -7.20 -10.18
N ASP B 212 -23.45 -7.65 -9.79
CA ASP B 212 -22.40 -7.94 -10.77
C ASP B 212 -22.77 -9.14 -11.64
N ILE B 213 -23.54 -10.09 -11.10
CA ILE B 213 -23.96 -11.25 -11.87
C ILE B 213 -24.91 -10.83 -12.99
N TRP B 214 -25.89 -9.99 -12.66
CA TRP B 214 -26.77 -9.44 -13.68
C TRP B 214 -25.97 -8.71 -14.76
N SER B 215 -25.05 -7.83 -14.33
CA SER B 215 -24.28 -7.05 -15.29
C SER B 215 -23.47 -7.94 -16.22
N LEU B 216 -22.96 -9.07 -15.71
CA LEU B 216 -22.25 -10.01 -16.58
C LEU B 216 -23.18 -10.59 -17.63
N GLY B 217 -24.41 -10.95 -17.24
CA GLY B 217 -25.37 -11.44 -18.21
C GLY B 217 -25.66 -10.43 -19.30
N ILE B 218 -25.82 -9.15 -18.92
CA ILE B 218 -25.98 -8.09 -19.92
C ILE B 218 -24.73 -8.02 -20.80
N THR B 219 -23.55 -8.12 -20.19
CA THR B 219 -22.30 -8.06 -20.94
C THR B 219 -22.21 -9.19 -21.95
N ALA B 220 -22.70 -10.38 -21.58
CA ALA B 220 -22.71 -11.48 -22.53
C ALA B 220 -23.56 -11.15 -23.74
N ILE B 221 -24.72 -10.53 -23.52
CA ILE B 221 -25.55 -10.09 -24.64
C ILE B 221 -24.82 -9.02 -25.46
N GLU B 222 -24.15 -8.09 -24.77
CA GLU B 222 -23.35 -7.07 -25.44
C GLU B 222 -22.30 -7.70 -26.36
N LEU B 223 -21.62 -8.74 -25.88
CA LEU B 223 -20.59 -9.37 -26.70
C LEU B 223 -21.22 -10.14 -27.86
N ALA B 224 -22.45 -10.62 -27.71
CA ALA B 224 -23.10 -11.39 -28.76
C ALA B 224 -23.77 -10.51 -29.80
N GLU B 225 -24.19 -9.30 -29.40
CA GLU B 225 -25.04 -8.47 -30.25
C GLU B 225 -24.49 -7.07 -30.50
N LEU B 226 -23.36 -6.71 -29.88
CA LEU B 226 -22.63 -5.45 -30.04
C LEU B 226 -23.25 -4.29 -29.27
N GLN B 227 -24.31 -4.53 -28.50
CA GLN B 227 -24.89 -3.49 -27.65
C GLN B 227 -25.73 -4.19 -26.59
N PRO B 228 -25.91 -3.58 -25.43
CA PRO B 228 -26.76 -4.17 -24.41
C PRO B 228 -28.23 -3.99 -24.80
N PRO B 229 -29.13 -4.75 -24.18
CA PRO B 229 -30.57 -4.53 -24.44
C PRO B 229 -30.99 -3.12 -24.09
N LEU B 230 -31.95 -2.61 -24.87
CA LEU B 230 -32.54 -1.29 -24.73
C LEU B 230 -31.55 -0.15 -24.98
N PHE B 231 -30.41 -0.44 -25.60
CA PHE B 231 -29.40 0.58 -25.87
C PHE B 231 -29.94 1.71 -26.73
N ASP B 232 -30.98 1.45 -27.52
CA ASP B 232 -31.59 2.44 -28.39
C ASP B 232 -32.74 3.18 -27.72
N VAL B 233 -32.95 2.98 -26.42
CA VAL B 233 -34.02 3.64 -25.68
C VAL B 233 -33.39 4.70 -24.78
N HIS B 234 -34.08 5.82 -24.63
CA HIS B 234 -33.57 6.92 -23.82
C HIS B 234 -33.23 6.41 -22.42
N PRO B 235 -32.06 6.74 -21.89
CA PRO B 235 -31.63 6.13 -20.62
C PRO B 235 -32.56 6.41 -19.45
N LEU B 236 -33.21 7.57 -19.41
CA LEU B 236 -34.16 7.84 -18.32
C LEU B 236 -35.37 6.92 -18.43
N ARG B 237 -35.89 6.73 -19.65
CA ARG B 237 -36.98 5.79 -19.83
C ARG B 237 -36.56 4.38 -19.43
N VAL B 238 -35.32 3.99 -19.76
CA VAL B 238 -34.83 2.68 -19.35
C VAL B 238 -34.89 2.53 -17.83
N LEU B 239 -34.37 3.51 -17.10
CA LEU B 239 -34.41 3.46 -15.64
C LEU B 239 -35.82 3.25 -15.11
N PHE B 240 -36.80 3.98 -15.65
CA PHE B 240 -38.18 3.80 -15.23
C PHE B 240 -38.70 2.42 -15.60
N LEU B 241 -38.36 1.93 -16.80
CA LEU B 241 -38.82 0.61 -17.23
C LEU B 241 -38.31 -0.50 -16.30
N MET B 242 -37.02 -0.47 -15.97
CA MET B 242 -36.44 -1.54 -15.15
C MET B 242 -36.95 -1.53 -13.72
N THR B 243 -37.42 -0.38 -13.25
CA THR B 243 -37.91 -0.25 -11.88
C THR B 243 -39.40 -0.54 -11.75
N LYS B 244 -40.10 -0.70 -12.87
CA LYS B 244 -41.50 -1.09 -12.82
C LYS B 244 -41.63 -2.53 -12.36
N SER B 245 -42.71 -2.80 -11.64
CA SER B 245 -43.10 -4.18 -11.42
C SER B 245 -43.57 -4.76 -12.75
N GLY B 246 -43.06 -5.94 -13.08
CA GLY B 246 -43.36 -6.57 -14.35
C GLY B 246 -42.30 -6.39 -15.42
N TYR B 247 -41.19 -5.72 -15.10
CA TYR B 247 -40.09 -5.64 -16.06
C TYR B 247 -39.63 -7.04 -16.41
N GLN B 248 -39.48 -7.30 -17.71
CA GLN B 248 -39.08 -8.61 -18.18
C GLN B 248 -37.59 -8.62 -18.42
N PRO B 249 -36.83 -9.52 -17.80
CA PRO B 249 -35.40 -9.62 -18.05
C PRO B 249 -35.16 -9.83 -19.56
N PRO B 250 -34.13 -9.23 -20.11
CA PRO B 250 -33.90 -9.35 -21.56
C PRO B 250 -33.40 -10.73 -21.95
N ARG B 251 -33.36 -10.95 -23.26
CA ARG B 251 -33.01 -12.23 -23.85
C ARG B 251 -32.15 -11.99 -25.09
N LEU B 252 -31.47 -13.05 -25.53
CA LEU B 252 -30.74 -13.00 -26.79
C LEU B 252 -31.74 -12.98 -27.94
N LYS B 253 -31.50 -12.08 -28.91
CA LYS B 253 -32.47 -11.86 -29.98
C LYS B 253 -32.57 -13.06 -30.91
N GLU B 254 -31.44 -13.54 -31.42
CA GLU B 254 -31.42 -14.61 -32.42
C GLU B 254 -31.26 -15.95 -31.73
N LYS B 255 -32.40 -16.53 -31.34
CA LYS B 255 -32.39 -17.74 -30.52
C LYS B 255 -31.64 -18.88 -31.18
N GLY B 256 -31.75 -19.01 -32.50
CA GLY B 256 -31.13 -20.11 -33.22
C GLY B 256 -29.63 -20.04 -33.34
N LYS B 257 -29.03 -18.87 -33.12
CA LYS B 257 -27.58 -18.71 -33.20
C LYS B 257 -26.86 -19.26 -31.97
N TRP B 258 -27.58 -19.53 -30.89
CA TRP B 258 -26.98 -19.80 -29.60
C TRP B 258 -27.53 -21.09 -29.00
N SER B 259 -26.68 -21.77 -28.23
CA SER B 259 -27.03 -23.04 -27.63
C SER B 259 -27.99 -22.85 -26.45
N ALA B 260 -28.63 -23.95 -26.05
CA ALA B 260 -29.50 -23.92 -24.88
C ALA B 260 -28.72 -23.49 -23.64
N ALA B 261 -27.44 -23.86 -23.57
CA ALA B 261 -26.62 -23.51 -22.42
C ALA B 261 -26.45 -21.99 -22.32
N PHE B 262 -26.21 -21.33 -23.46
CA PHE B 262 -26.06 -19.88 -23.46
C PHE B 262 -27.38 -19.21 -23.07
N HIS B 263 -28.50 -19.67 -23.64
CA HIS B 263 -29.80 -19.10 -23.27
C HIS B 263 -30.08 -19.27 -21.78
N ASN B 264 -29.72 -20.43 -21.21
CA ASN B 264 -29.96 -20.63 -19.79
C ASN B 264 -29.03 -19.78 -18.95
N PHE B 265 -27.78 -19.59 -19.39
CA PHE B 265 -26.86 -18.70 -18.69
C PHE B 265 -27.44 -17.29 -18.59
N ILE B 266 -28.02 -16.81 -19.69
CA ILE B 266 -28.67 -15.50 -19.69
C ILE B 266 -29.87 -15.51 -18.75
N LYS B 267 -30.68 -16.57 -18.82
CA LYS B 267 -31.88 -16.63 -17.99
C LYS B 267 -31.53 -16.57 -16.51
N VAL B 268 -30.48 -17.28 -16.09
CA VAL B 268 -30.18 -17.38 -14.67
C VAL B 268 -29.42 -16.16 -14.16
N THR B 269 -28.46 -15.64 -14.95
CA THR B 269 -27.77 -14.44 -14.53
C THR B 269 -28.71 -13.24 -14.48
N LEU B 270 -29.69 -13.19 -15.38
CA LEU B 270 -30.67 -12.10 -15.38
C LEU B 270 -31.92 -12.45 -14.58
N THR B 271 -31.74 -13.15 -13.47
CA THR B 271 -32.83 -13.37 -12.52
C THR B 271 -33.19 -12.04 -11.86
N LYS B 272 -34.48 -11.69 -11.91
CA LYS B 272 -34.90 -10.38 -11.44
C LYS B 272 -34.70 -10.22 -9.94
N SER B 273 -35.13 -11.22 -9.17
CA SER B 273 -35.03 -11.15 -7.71
C SER B 273 -33.61 -11.46 -7.27
N PRO B 274 -32.93 -10.55 -6.56
CA PRO B 274 -31.58 -10.86 -6.06
C PRO B 274 -31.55 -12.05 -5.12
N LYS B 275 -32.66 -12.38 -4.45
CA LYS B 275 -32.69 -13.54 -3.58
C LYS B 275 -32.61 -14.86 -4.33
N LYS B 276 -32.81 -14.85 -5.65
CA LYS B 276 -32.73 -16.06 -6.46
C LYS B 276 -31.63 -16.02 -7.51
N ARG B 277 -30.91 -14.91 -7.63
CA ARG B 277 -29.83 -14.82 -8.61
C ARG B 277 -28.59 -15.52 -8.04
N PRO B 278 -28.01 -16.48 -8.74
CA PRO B 278 -26.92 -17.27 -8.16
C PRO B 278 -25.65 -16.45 -7.99
N SER B 279 -24.85 -16.85 -7.00
CA SER B 279 -23.57 -16.22 -6.73
C SER B 279 -22.57 -16.51 -7.84
N ALA B 280 -21.47 -15.77 -7.83
CA ALA B 280 -20.42 -16.00 -8.83
C ALA B 280 -19.84 -17.41 -8.71
N THR B 281 -19.61 -17.88 -7.48
CA THR B 281 -19.07 -19.23 -7.31
C THR B 281 -20.04 -20.28 -7.87
N LYS B 282 -21.33 -20.13 -7.58
CA LYS B 282 -22.30 -21.05 -8.15
C LYS B 282 -22.35 -20.95 -9.68
N MET B 283 -22.25 -19.73 -10.22
CA MET B 283 -22.32 -19.59 -11.67
C MET B 283 -21.14 -20.25 -12.37
N LEU B 284 -19.99 -20.35 -11.69
CA LEU B 284 -18.85 -21.04 -12.26
C LEU B 284 -19.10 -22.51 -12.51
N SER B 285 -20.13 -23.09 -11.90
CA SER B 285 -20.51 -24.48 -12.18
C SER B 285 -21.51 -24.60 -13.32
N HIS B 286 -22.00 -23.49 -13.85
CA HIS B 286 -22.97 -23.54 -14.94
C HIS B 286 -22.35 -24.15 -16.19
N GLN B 287 -23.18 -24.86 -16.96
CA GLN B 287 -22.66 -25.65 -18.08
C GLN B 287 -21.97 -24.79 -19.13
N LEU B 288 -22.37 -23.53 -19.27
CA LEU B 288 -21.76 -22.69 -20.30
C LEU B 288 -20.30 -22.42 -19.99
N VAL B 289 -19.97 -22.20 -18.71
CA VAL B 289 -18.62 -21.80 -18.35
C VAL B 289 -17.78 -22.93 -17.76
N SER B 290 -18.38 -24.09 -17.51
CA SER B 290 -17.63 -25.24 -17.00
C SER B 290 -17.34 -26.26 -18.08
N GLN B 291 -17.78 -26.02 -19.31
CA GLN B 291 -17.56 -26.97 -20.39
C GLN B 291 -16.08 -27.01 -20.77
N PRO B 292 -15.61 -28.13 -21.31
CA PRO B 292 -14.20 -28.21 -21.71
C PRO B 292 -13.92 -27.34 -22.93
N GLY B 293 -12.63 -27.09 -23.17
CA GLY B 293 -12.22 -26.37 -24.35
C GLY B 293 -12.25 -24.85 -24.25
N LEU B 294 -12.48 -24.30 -23.07
CA LEU B 294 -12.44 -22.85 -22.88
C LEU B 294 -11.04 -22.46 -22.44
N ASN B 295 -10.32 -21.74 -23.30
CA ASN B 295 -8.97 -21.30 -22.98
C ASN B 295 -8.66 -20.05 -23.78
N ARG B 296 -7.52 -19.45 -23.46
CA ARG B 296 -7.15 -18.16 -24.03
C ARG B 296 -6.93 -18.23 -25.54
N GLY B 297 -6.77 -19.43 -26.10
CA GLY B 297 -6.68 -19.55 -27.54
C GLY B 297 -7.89 -18.99 -28.27
N LEU B 298 -9.07 -19.10 -27.65
CA LEU B 298 -10.27 -18.55 -28.27
C LEU B 298 -10.14 -17.05 -28.46
N ILE B 299 -9.50 -16.36 -27.51
CA ILE B 299 -9.30 -14.93 -27.65
C ILE B 299 -8.11 -14.61 -28.54
N LEU B 300 -7.09 -15.48 -28.58
CA LEU B 300 -6.03 -15.30 -29.57
C LEU B 300 -6.61 -15.33 -30.99
N ASP B 301 -7.59 -16.20 -31.23
CA ASP B 301 -8.30 -16.19 -32.50
C ASP B 301 -8.98 -14.86 -32.76
N LEU B 302 -9.65 -14.32 -31.73
CA LEU B 302 -10.31 -13.02 -31.88
C LEU B 302 -9.30 -11.92 -32.20
N LEU B 303 -8.14 -11.94 -31.54
CA LEU B 303 -7.13 -10.92 -31.81
C LEU B 303 -6.52 -11.09 -33.20
N ASP B 304 -6.44 -12.33 -33.70
CA ASP B 304 -5.99 -12.55 -35.08
C ASP B 304 -7.00 -11.98 -36.07
N LYS B 305 -8.30 -12.15 -35.80
CA LYS B 305 -9.32 -11.54 -36.63
C LYS B 305 -9.22 -10.02 -36.58
N LEU B 306 -8.98 -9.46 -35.39
CA LEU B 306 -8.81 -8.01 -35.27
C LEU B 306 -7.64 -7.52 -36.11
N LYS B 307 -6.55 -8.30 -36.14
CA LYS B 307 -5.35 -7.88 -36.86
C LYS B 307 -5.48 -8.08 -38.36
N ASN B 308 -6.08 -9.19 -38.77
CA ASN B 308 -6.08 -9.58 -40.18
C ASN B 308 -7.48 -9.58 -40.80
C1 EDO C . 26.74 27.25 14.83
O1 EDO C . 26.91 28.02 13.66
C2 EDO C . 26.00 28.05 15.87
O2 EDO C . 25.89 27.29 17.05
C1 EDO D . -1.59 3.70 10.56
O1 EDO D . -2.74 3.12 11.14
C2 EDO D . -1.14 2.85 9.40
O2 EDO D . -1.09 3.66 8.24
C1 EDO E . 11.41 -3.95 1.62
O1 EDO E . 11.47 -2.88 2.52
C2 EDO E . 12.81 -4.29 1.16
O2 EDO E . 13.33 -3.24 0.38
C1 GOL F . 10.99 38.17 11.20
O1 GOL F . 11.97 37.42 10.53
C2 GOL F . 10.78 37.60 12.58
O2 GOL F . 9.86 36.54 12.45
C3 GOL F . 10.30 38.64 13.57
O3 GOL F . 11.37 39.51 13.88
O1 MES G . 12.63 4.82 39.40
C2 MES G . 13.56 3.85 39.82
C3 MES G . 14.85 3.94 39.03
N4 MES G . 14.54 3.76 37.59
C5 MES G . 13.57 4.82 37.17
C6 MES G . 12.33 4.71 38.04
C7 MES G . 15.75 3.72 36.72
C8 MES G . 15.44 3.09 35.39
S MES G . 16.96 2.73 34.49
O1S MES G . 17.91 3.73 35.00
O2S MES G . 16.56 2.91 33.08
O3S MES G . 17.31 1.33 34.85
C10 A1BWM H . 16.00 13.05 15.94
C11 A1BWM H . 15.37 12.93 14.74
C12 A1BWM H . 14.20 13.65 14.46
C13 A1BWM H . 13.71 14.51 15.41
C14 A1BWM H . 17.23 12.12 15.92
C16 A1BWM H . 16.11 11.92 13.91
C17 A1BWM H . 18.51 12.93 16.10
C18 A1BWM H . 17.07 11.02 16.97
C22 A1BWM H . 14.23 16.15 22.97
C2 A1BWM H . 13.91 15.65 18.98
C21 A1BWM H . 16.44 12.98 20.99
C24 A1BWM H . 14.78 16.07 25.05
C27 A1BWM H . 15.44 15.68 26.37
C28 A1BWM H . 17.88 13.34 20.64
C29 A1BWM H . 16.45 11.77 21.93
C31 A1BWM H . 18.71 12.40 20.05
C32 A1BWM H . 20.02 12.72 19.72
C33 A1BWM H . 20.50 14.00 19.98
C34 A1BWM H . 19.66 14.94 20.56
C35 A1BWM H . 18.36 14.62 20.89
C36 A1BWM H . 15.17 14.28 26.69
C37 A1BWM H . 15.88 13.88 27.98
C39 A1BWM H . 17.72 15.48 27.41
C4 A1BWM H . 14.90 14.96 20.95
C40 A1BWM H . 16.87 15.96 26.22
C5 A1BWM H . 14.16 15.93 21.61
C6 A1BWM H . 13.30 16.74 20.88
C8 A1BWM H . 14.34 14.65 16.63
C9 A1BWM H . 15.49 13.94 16.91
N1 A1BWM H . 13.19 16.57 19.59
N20 A1BWM H . 15.81 14.08 21.66
N23 A1BWM H . 14.99 15.53 23.86
N25 A1BWM H . 13.88 17.04 24.92
N3 A1BWM H . 14.75 14.85 19.64
N7 A1BWM H . 13.72 15.58 17.55
O15 A1BWM H . 17.25 11.52 14.63
O19 A1BWM H . 15.78 11.49 12.85
O26 A1BWM H . 13.53 17.10 23.60
O30 A1BWM H . 17.00 12.17 23.16
O38 A1BWM H . 17.31 14.21 28.01
NA NA I . 19.56 8.00 17.61
C1 EDO J . -18.57 -14.74 -1.19
O1 EDO J . -19.07 -13.98 -2.26
C2 EDO J . -18.40 -13.89 0.04
O2 EDO J . -19.56 -13.16 0.31
C1 EDO K . -24.85 7.92 -26.04
O1 EDO K . -25.26 9.22 -25.71
C2 EDO K . -25.77 6.92 -25.37
O2 EDO K . -25.92 5.80 -26.21
C1 EDO L . -12.72 5.23 -18.26
O1 EDO L . -11.84 5.16 -19.36
C2 EDO L . -12.06 5.92 -17.10
O2 EDO L . -10.95 5.19 -16.67
C1 EDO M . -16.69 -2.45 -2.30
O1 EDO M . -15.89 -2.39 -3.47
C2 EDO M . -18.15 -2.59 -2.66
O2 EDO M . -18.83 -3.05 -1.51
C1 EDO N . -15.86 3.71 -22.87
O1 EDO N . -15.43 3.82 -21.53
C2 EDO N . -17.32 3.34 -22.93
O2 EDO N . -18.09 4.30 -22.24
C1 EDO O . -7.86 -17.13 -5.16
O1 EDO O . -9.25 -17.06 -5.38
C2 EDO O . -7.51 -16.31 -3.94
O2 EDO O . -6.31 -16.78 -3.38
C1 EDO P . 3.62 -2.48 -31.39
O1 EDO P . 2.80 -1.61 -32.13
C2 EDO P . 4.83 -1.74 -30.87
O2 EDO P . 5.72 -2.65 -30.28
C1 EDO Q . -0.23 -0.90 -27.85
O1 EDO Q . 0.93 -0.12 -27.95
C2 EDO Q . 0.14 -2.36 -27.75
O2 EDO Q . 1.51 -2.46 -27.41
C1 GOL R . -8.76 -22.79 -30.07
O1 GOL R . -8.45 -21.42 -30.16
C2 GOL R . -8.51 -23.33 -28.67
O2 GOL R . -7.24 -22.92 -28.22
C3 GOL R . -8.61 -24.84 -28.73
O3 GOL R . -8.30 -25.40 -27.45
C1 PGE S . 5.48 1.53 -28.87
O1 PGE S . 4.22 1.81 -28.32
C2 PGE S . 6.48 1.28 -27.77
O2 PGE S . 6.37 -0.06 -27.34
C3 PGE S . 7.40 -0.93 -27.77
C4 PGE S . 7.47 -2.26 -27.06
O4 PGE S . 3.38 -4.23 -27.23
C6 PGE S . 4.67 -4.48 -27.73
C5 PGE S . 5.64 -3.71 -26.84
O3 PGE S . 6.64 -3.21 -27.69
O1 MES T . 10.38 1.37 -9.85
C2 MES T . 9.11 0.80 -10.06
C3 MES T . 8.98 -0.57 -9.42
N4 MES T . 10.04 -1.45 -10.01
C5 MES T . 11.37 -0.83 -9.75
C6 MES T . 11.42 0.56 -10.34
C7 MES T . 9.99 -2.87 -9.52
C8 MES T . 11.00 -3.70 -10.27
S MES T . 10.62 -5.46 -10.11
O1S MES T . 11.53 -6.10 -11.08
O2S MES T . 9.19 -5.52 -10.46
O3S MES T . 10.91 -5.78 -8.70
C10 A1BWM U . -7.08 0.45 -16.91
C11 A1BWM U . -6.99 -0.14 -15.70
C12 A1BWM U . -5.98 -1.10 -15.46
C13 A1BWM U . -5.11 -1.44 -16.45
C14 A1BWM U . -8.26 1.45 -16.86
C16 A1BWM U . -8.08 0.40 -14.81
C17 A1BWM U . -7.75 2.87 -17.10
C18 A1BWM U . -9.33 1.01 -17.85
C22 A1BWM U . -4.13 -0.75 -24.15
C2 A1BWM U . -4.26 -1.09 -20.11
C21 A1BWM U . -7.59 0.73 -21.97
C24 A1BWM U . -4.60 -0.27 -26.20
C27 A1BWM U . -5.34 0.29 -27.42
C28 A1BWM U . -7.54 2.24 -21.90
C29 A1BWM U . -8.83 0.31 -22.74
C31 A1BWM U . -6.53 2.93 -22.54
C32 A1BWM U . -6.49 4.32 -22.49
C33 A1BWM U . -7.47 5.00 -21.80
C34 A1BWM U . -8.49 4.32 -21.17
C35 A1BWM U . -8.53 2.93 -21.22
C36 A1BWM U . -6.64 -0.36 -27.55
C37 A1BWM U . -7.48 0.25 -28.67
C39 A1BWM U . -6.35 2.44 -28.25
C4 A1BWM U . -5.30 -0.38 -22.04
C40 A1BWM U . -5.46 1.74 -27.22
C5 A1BWM U . -4.21 -0.86 -22.77
C6 A1BWM U . -3.16 -1.45 -22.09
C8 A1BWM U . -5.20 -0.84 -17.69
C9 A1BWM U . -6.16 0.12 -17.94
N1 A1BWM U . -3.22 -1.55 -20.78
N20 A1BWM U . -6.43 0.26 -22.70
N23 A1BWM U . -5.01 -0.17 -24.96
N25 A1BWM U . -3.45 -0.91 -26.21
N3 A1BWM U . -5.29 -0.51 -20.74
N7 A1BWM U . -4.22 -1.25 -18.68
O15 A1BWM U . -8.80 1.37 -15.54
O19 A1BWM U . -8.31 0.03 -13.70
O26 A1BWM U . -3.13 -1.23 -24.92
O30 A1BWM U . -8.70 0.77 -24.05
O38 A1BWM U . -7.56 1.72 -28.65
#